data_8SDF
#
_entry.id   8SDF
#
_cell.length_a   58.204
_cell.length_b   142.996
_cell.length_c   82.928
_cell.angle_alpha   90.00
_cell.angle_beta   94.13
_cell.angle_gamma   90.00
#
_symmetry.space_group_name_H-M   'P 1 21 1'
#
loop_
_entity.id
_entity.type
_entity.pdbx_description
1 polymer 'Spike protein S1'
2 polymer 'Neutralizing antibody CC25.4 heavy chain'
3 polymer 'Neutralizing antibody CC25.4 light chain'
4 branched 2-acetamido-2-deoxy-beta-D-glucopyranose-(1-4)-[alpha-L-fucopyranose-(1-6)]2-acetamido-2-deoxy-beta-D-glucopyranose
5 non-polymer (4S)-2-METHYL-2,4-PENTANEDIOL
6 non-polymer 2-acetamido-2-deoxy-beta-D-glucopyranose
7 water water
#
loop_
_entity_poly.entity_id
_entity_poly.type
_entity_poly.pdbx_seq_one_letter_code
_entity_poly.pdbx_strand_id
1 'polypeptide(L)'
;TNLCPFGEVFNATRFASVYAWNRKRISNCVADYSVLYNSASFSTFKCYGVSPTKLNDLCFTNVYADSFVIRGDEVRQIAP
GQTGKIADYNYKLPDDFTGCVIAWNSNNLDSKVGGNYNYLYRLFRKSNLKPFERDISTEIYQAGSTPCNGVEGFNCYFPL
QSYGFQPTNGVGYQPYRVVVLSFELLHAPATVCGPKKSGHHHHHH
;
Z,A
2 'polypeptide(L)'
;QVQLVQSGAEVKKPGASVKVSCKASGYTFTDYFLHWVRQAPGQGLEWMGWINPDSGGTNYAQRFQGRVTMTRDTSISTAY
MEVSRLRSDDTAVYYCARDNERYQMQNYYHYYGMDVWGQGTTVTVVSRRLPPSVFPLAPSSKSTSGGTAALGCLVKDYFP
EPVTVSWNSGALTSGVHTFPAVLQSSGLYSLSSVVTVPSSSLGTQTYICNVNHKPSNTKVDKKVEPKSC
;
H,B
3 'polypeptide(L)'
;QSVLTQPPSASGTPGQRVTISCSGSSSNIGSNTVNWYQQLPGTAPKLLIYSNNQRPSGVPDRFSGSKSGTSASLAISGLQ
SEDEADYYCAAWDDSLNGYVVFGGGTKLTVLGQPKAAPSVTLFPPSSEELQANKATLVCLISDFYPGAVTVAWKADSSPV
KAGVETTTPSKQSNNKYAASSYLSLTPEQWKSHRSYSCQVTHEGSTVEKTVAPTECS
;
L,C
#
# COMPACT_ATOMS: atom_id res chain seq x y z
N THR A 1 11.76 29.47 4.88
CA THR A 1 12.40 29.12 3.61
C THR A 1 12.85 27.66 3.65
N ASN A 2 12.53 26.92 2.60
CA ASN A 2 13.00 25.54 2.45
C ASN A 2 14.16 25.48 1.49
N LEU A 3 15.14 24.64 1.79
CA LEU A 3 16.18 24.33 0.83
C LEU A 3 15.67 23.23 -0.10
N CYS A 4 16.00 23.34 -1.39
CA CYS A 4 15.48 22.35 -2.32
C CYS A 4 16.06 20.99 -1.97
N PRO A 5 15.28 19.96 -2.02
CA PRO A 5 15.75 18.63 -1.63
C PRO A 5 16.48 17.86 -2.73
N PHE A 6 17.44 18.51 -3.39
CA PHE A 6 18.27 17.81 -4.38
C PHE A 6 18.97 16.60 -3.79
N GLY A 7 19.38 16.70 -2.52
CA GLY A 7 20.04 15.57 -1.86
C GLY A 7 19.26 14.28 -1.97
N GLU A 8 17.94 14.34 -1.78
CA GLU A 8 17.16 13.11 -1.85
C GLU A 8 17.23 12.49 -3.25
N VAL A 9 17.26 13.33 -4.29
CA VAL A 9 17.29 12.81 -5.66
C VAL A 9 18.63 12.14 -5.93
N PHE A 10 19.71 12.86 -5.62
CA PHE A 10 21.03 12.38 -6.01
C PHE A 10 21.51 11.21 -5.17
N ASN A 11 21.00 11.06 -3.94
CA ASN A 11 21.52 10.09 -3.00
C ASN A 11 20.61 8.89 -2.80
N ALA A 12 19.57 8.73 -3.60
CA ALA A 12 18.68 7.59 -3.44
C ALA A 12 19.45 6.27 -3.61
N THR A 13 19.18 5.33 -2.70
CA THR A 13 19.81 4.01 -2.74
C THR A 13 19.74 3.37 -4.13
N ARG A 14 18.53 3.32 -4.71
CA ARG A 14 18.33 2.74 -6.03
C ARG A 14 17.82 3.79 -6.99
N PHE A 15 18.28 3.70 -8.25
CA PHE A 15 17.79 4.56 -9.32
C PHE A 15 16.82 3.77 -10.20
N ALA A 16 16.00 4.51 -10.95
CA ALA A 16 15.08 3.85 -11.87
C ALA A 16 15.83 3.26 -13.07
N SER A 17 15.27 2.23 -13.67
CA SER A 17 15.69 1.87 -15.02
C SER A 17 15.32 3.00 -15.97
N VAL A 18 16.17 3.20 -17.00
CA VAL A 18 15.95 4.34 -17.90
C VAL A 18 14.60 4.24 -18.62
N TYR A 19 14.13 3.04 -18.96
CA TYR A 19 12.85 2.95 -19.67
C TYR A 19 11.70 3.37 -18.77
N ALA A 20 11.87 3.23 -17.47
CA ALA A 20 10.86 3.61 -16.48
C ALA A 20 11.41 4.76 -15.64
N TRP A 21 11.97 5.77 -16.31
CA TRP A 21 12.72 6.81 -15.62
C TRP A 21 11.87 7.51 -14.55
N ASN A 22 12.51 7.84 -13.44
CA ASN A 22 11.80 8.43 -12.31
C ASN A 22 11.73 9.96 -12.45
N ARG A 23 10.62 10.57 -12.00
CA ARG A 23 10.54 12.03 -11.98
C ARG A 23 10.11 12.52 -10.61
N LYS A 24 10.77 13.58 -10.13
CA LYS A 24 10.37 14.34 -8.95
C LYS A 24 10.17 15.79 -9.35
N ARG A 25 9.07 16.41 -8.92
CA ARG A 25 8.96 17.86 -9.05
C ARG A 25 9.47 18.52 -7.77
N ILE A 26 10.24 19.58 -7.95
CA ILE A 26 10.83 20.37 -6.87
C ILE A 26 10.17 21.75 -6.92
N SER A 27 9.66 22.20 -5.77
CA SER A 27 8.86 23.43 -5.67
C SER A 27 9.08 24.12 -4.34
N ASN A 28 8.74 25.42 -4.32
CA ASN A 28 8.64 26.20 -3.07
C ASN A 28 9.93 26.10 -2.24
N CYS A 29 11.07 26.36 -2.88
CA CYS A 29 12.33 26.20 -2.18
C CYS A 29 13.39 27.08 -2.81
N VAL A 30 14.51 27.20 -2.12
CA VAL A 30 15.67 27.93 -2.61
C VAL A 30 16.75 26.91 -2.94
N ALA A 31 17.32 27.03 -4.14
CA ALA A 31 18.35 26.12 -4.65
C ALA A 31 19.65 26.89 -4.89
N ASP A 32 20.76 26.35 -4.40
CA ASP A 32 22.11 26.87 -4.67
C ASP A 32 22.77 25.94 -5.69
N TYR A 33 22.61 26.28 -6.97
CA TYR A 33 23.17 25.43 -8.01
C TYR A 33 24.69 25.44 -8.00
N SER A 34 25.31 26.47 -7.43
CA SER A 34 26.77 26.49 -7.29
C SER A 34 27.26 25.33 -6.45
N VAL A 35 26.51 24.95 -5.42
CA VAL A 35 26.90 23.77 -4.65
C VAL A 35 26.96 22.54 -5.54
N LEU A 36 26.02 22.43 -6.48
CA LEU A 36 26.00 21.29 -7.40
C LEU A 36 27.16 21.36 -8.41
N TYR A 37 27.21 22.40 -9.23
CA TYR A 37 28.15 22.36 -10.34
C TYR A 37 29.59 22.59 -9.93
N ASN A 38 29.83 22.99 -8.67
CA ASN A 38 31.18 23.07 -8.12
C ASN A 38 31.52 21.81 -7.32
N SER A 39 30.77 20.74 -7.50
CA SER A 39 31.14 19.44 -6.95
C SER A 39 32.05 18.69 -7.93
N ALA A 40 33.07 18.04 -7.39
CA ALA A 40 33.91 17.15 -8.17
C ALA A 40 33.32 15.75 -8.29
N SER A 41 32.12 15.52 -7.76
CA SER A 41 31.57 14.18 -7.85
C SER A 41 31.06 13.83 -9.25
N PHE A 42 30.84 14.82 -10.11
CA PHE A 42 30.14 14.59 -11.37
C PHE A 42 31.12 14.50 -12.52
N SER A 43 30.93 13.50 -13.38
CA SER A 43 31.72 13.41 -14.59
C SER A 43 31.05 14.10 -15.76
N THR A 44 29.76 14.43 -15.64
CA THR A 44 29.07 15.21 -16.66
C THR A 44 28.27 16.28 -15.95
N PHE A 45 28.37 17.54 -16.41
CA PHE A 45 27.50 18.61 -15.92
C PHE A 45 27.33 19.60 -17.07
N LYS A 46 26.26 19.41 -17.85
CA LYS A 46 26.04 20.15 -19.09
C LYS A 46 24.73 20.90 -18.99
N CYS A 47 24.74 22.20 -19.21
CA CYS A 47 23.47 22.93 -19.21
C CYS A 47 23.13 23.44 -20.59
N TYR A 48 21.82 23.48 -20.86
CA TYR A 48 21.23 23.82 -22.13
C TYR A 48 20.23 24.94 -21.91
N GLY A 49 20.25 25.94 -22.78
CA GLY A 49 19.35 27.05 -22.69
C GLY A 49 19.56 27.98 -21.52
N VAL A 50 20.64 27.82 -20.76
CA VAL A 50 20.97 28.72 -19.66
C VAL A 50 22.48 28.63 -19.43
N SER A 51 23.08 29.74 -19.00
CA SER A 51 24.44 29.62 -18.47
C SER A 51 24.36 29.14 -17.03
N PRO A 52 25.13 28.12 -16.64
CA PRO A 52 25.02 27.60 -15.28
C PRO A 52 25.35 28.63 -14.20
N THR A 53 26.01 29.73 -14.55
CA THR A 53 26.45 30.70 -13.56
C THR A 53 25.42 31.78 -13.29
N LYS A 54 24.37 31.87 -14.12
CA LYS A 54 23.23 32.72 -13.85
C LYS A 54 22.11 31.99 -13.12
N LEU A 55 22.25 30.68 -12.91
CA LEU A 55 21.13 29.91 -12.35
C LEU A 55 20.79 30.42 -10.95
N ASN A 56 21.80 30.81 -10.17
CA ASN A 56 21.51 31.29 -8.83
C ASN A 56 20.80 32.63 -8.81
N ASP A 57 20.68 33.30 -9.96
CA ASP A 57 19.95 34.56 -10.06
C ASP A 57 18.57 34.42 -10.71
N LEU A 58 18.16 33.21 -11.09
CA LEU A 58 16.89 32.99 -11.77
C LEU A 58 15.86 32.36 -10.83
N CYS A 59 14.59 32.54 -11.18
CA CYS A 59 13.46 31.92 -10.49
C CYS A 59 12.62 31.18 -11.53
N PHE A 60 12.15 29.97 -11.16
CA PHE A 60 11.34 29.18 -12.06
C PHE A 60 10.04 28.80 -11.37
N THR A 61 9.03 28.48 -12.17
CA THR A 61 7.76 28.00 -11.59
C THR A 61 8.00 26.71 -10.79
N ASN A 62 8.73 25.76 -11.38
CA ASN A 62 9.10 24.50 -10.75
C ASN A 62 10.40 24.05 -11.38
N VAL A 63 11.06 23.08 -10.72
CA VAL A 63 12.20 22.38 -11.30
C VAL A 63 11.86 20.90 -11.29
N TYR A 64 12.24 20.17 -12.33
CA TYR A 64 11.96 18.74 -12.40
C TYR A 64 13.29 18.02 -12.35
N ALA A 65 13.31 16.88 -11.68
CA ALA A 65 14.50 16.05 -11.60
C ALA A 65 14.09 14.66 -12.05
N ASP A 66 14.57 14.28 -13.23
CA ASP A 66 14.37 12.95 -13.78
C ASP A 66 15.64 12.16 -13.57
N SER A 67 15.52 10.91 -13.13
CA SER A 67 16.75 10.20 -12.84
C SER A 67 16.62 8.75 -13.25
N PHE A 68 17.78 8.17 -13.60
CA PHE A 68 17.82 6.80 -14.11
C PHE A 68 19.28 6.40 -14.28
N VAL A 69 19.48 5.15 -14.64
CA VAL A 69 20.81 4.60 -14.90
C VAL A 69 20.92 4.16 -16.35
N ILE A 70 22.05 4.50 -17.01
CA ILE A 70 22.40 4.02 -18.35
C ILE A 70 23.89 3.63 -18.31
N ARG A 71 24.42 3.10 -19.41
CA ARG A 71 25.87 2.87 -19.38
C ARG A 71 26.63 4.11 -19.86
N GLY A 72 27.92 4.15 -19.47
CA GLY A 72 28.72 5.36 -19.71
C GLY A 72 28.69 5.83 -21.15
N ASP A 73 28.81 4.90 -22.09
CA ASP A 73 28.86 5.24 -23.51
C ASP A 73 27.57 5.86 -23.99
N GLU A 74 26.50 5.74 -23.20
CA GLU A 74 25.20 6.27 -23.56
C GLU A 74 24.92 7.63 -22.96
N VAL A 75 25.75 8.13 -22.04
CA VAL A 75 25.48 9.44 -21.44
C VAL A 75 25.39 10.54 -22.49
N ARG A 76 26.17 10.43 -23.58
CA ARG A 76 26.12 11.42 -24.65
C ARG A 76 24.73 11.53 -25.27
N GLN A 77 23.91 10.50 -25.13
CA GLN A 77 22.58 10.53 -25.71
C GLN A 77 21.58 11.36 -24.91
N ILE A 78 21.92 11.75 -23.68
CA ILE A 78 21.02 12.58 -22.88
C ILE A 78 21.31 14.04 -23.17
N ALA A 79 20.90 14.49 -24.34
CA ALA A 79 21.05 15.89 -24.76
C ALA A 79 20.04 16.14 -25.85
N PRO A 80 19.59 17.38 -26.03
CA PRO A 80 18.71 17.66 -27.18
C PRO A 80 19.41 17.26 -28.49
N GLY A 81 18.60 16.81 -29.46
CA GLY A 81 19.07 16.51 -30.80
C GLY A 81 19.82 15.21 -31.00
N GLN A 82 19.87 14.35 -30.00
CA GLN A 82 20.64 13.11 -30.11
C GLN A 82 19.76 12.00 -30.66
N THR A 83 20.43 11.01 -31.23
CA THR A 83 19.78 9.79 -31.69
C THR A 83 20.46 8.62 -31.00
N GLY A 84 19.83 7.46 -31.10
CA GLY A 84 20.32 6.26 -30.45
C GLY A 84 19.21 5.59 -29.66
N LYS A 85 19.52 4.37 -29.20
CA LYS A 85 18.50 3.59 -28.50
C LYS A 85 17.92 4.37 -27.31
N ILE A 86 18.78 5.07 -26.57
CA ILE A 86 18.30 5.74 -25.35
C ILE A 86 17.48 6.97 -25.72
N ALA A 87 18.02 7.82 -26.59
CA ALA A 87 17.37 9.08 -26.95
C ALA A 87 16.11 8.84 -27.75
N ASP A 88 16.09 7.76 -28.54
CA ASP A 88 14.94 7.46 -29.37
C ASP A 88 13.87 6.66 -28.63
N TYR A 89 14.24 5.68 -27.79
CA TYR A 89 13.26 4.76 -27.27
C TYR A 89 13.07 4.80 -25.76
N ASN A 90 13.92 5.50 -25.01
CA ASN A 90 13.83 5.49 -23.54
C ASN A 90 13.59 6.87 -22.93
N TYR A 91 14.42 7.85 -23.27
CA TYR A 91 14.34 9.19 -22.67
C TYR A 91 14.78 10.23 -23.68
N LYS A 92 13.85 11.12 -24.08
CA LYS A 92 14.10 12.12 -25.13
C LYS A 92 13.93 13.54 -24.59
N LEU A 93 14.89 14.35 -24.79
CA LEU A 93 14.78 15.77 -24.47
C LEU A 93 14.29 16.56 -25.68
N PRO A 94 13.55 17.63 -25.47
CA PRO A 94 13.13 18.48 -26.60
C PRO A 94 14.27 19.35 -27.12
N ASP A 95 14.09 19.86 -28.34
CA ASP A 95 15.10 20.75 -28.90
C ASP A 95 15.17 22.07 -28.12
N ASP A 96 14.06 22.53 -27.52
CA ASP A 96 14.07 23.78 -26.76
C ASP A 96 14.38 23.55 -25.28
N PHE A 97 15.06 22.44 -24.95
CA PHE A 97 15.32 22.06 -23.56
C PHE A 97 16.04 23.17 -22.80
N THR A 98 15.53 23.50 -21.60
CA THR A 98 16.17 24.44 -20.68
C THR A 98 16.41 23.66 -19.41
N GLY A 99 17.67 23.32 -19.15
CA GLY A 99 17.94 22.44 -18.04
C GLY A 99 19.38 21.94 -18.08
N CYS A 100 19.69 21.06 -17.15
CA CYS A 100 21.05 20.57 -16.97
C CYS A 100 21.03 19.07 -16.91
N VAL A 101 22.04 18.45 -17.51
CA VAL A 101 22.21 17.01 -17.47
C VAL A 101 23.44 16.75 -16.62
N ILE A 102 23.29 15.92 -15.58
CA ILE A 102 24.31 15.67 -14.58
C ILE A 102 24.47 14.16 -14.48
N ALA A 103 25.70 13.67 -14.54
CA ALA A 103 25.90 12.22 -14.55
C ALA A 103 27.14 11.91 -13.72
N TRP A 104 27.11 10.72 -13.10
CA TRP A 104 28.28 10.27 -12.39
C TRP A 104 28.38 8.76 -12.45
N ASN A 105 29.62 8.28 -12.37
CA ASN A 105 29.87 6.86 -12.39
C ASN A 105 29.34 6.18 -11.13
N SER A 106 28.53 5.14 -11.31
CA SER A 106 27.91 4.46 -10.20
C SER A 106 28.31 2.99 -10.16
N ASN A 107 29.51 2.68 -10.68
CA ASN A 107 30.00 1.30 -10.69
C ASN A 107 29.98 0.69 -9.30
N ASN A 108 30.39 1.47 -8.29
CA ASN A 108 30.42 0.98 -6.92
C ASN A 108 29.02 0.71 -6.36
N LEU A 109 27.97 1.30 -6.91
CA LEU A 109 26.63 1.15 -6.35
C LEU A 109 25.76 0.17 -7.11
N ASP A 110 25.90 0.13 -8.43
CA ASP A 110 24.93 -0.51 -9.32
C ASP A 110 25.46 -1.72 -10.06
N SER A 111 26.76 -2.00 -9.99
CA SER A 111 27.26 -3.24 -10.57
CA SER A 111 27.31 -3.22 -10.57
C SER A 111 27.48 -4.28 -9.48
N LYS A 112 27.51 -5.54 -9.90
CA LYS A 112 27.91 -6.59 -8.97
C LYS A 112 28.56 -7.74 -9.72
N VAL A 113 29.50 -8.41 -9.04
CA VAL A 113 30.10 -9.62 -9.61
C VAL A 113 29.01 -10.65 -9.82
N GLY A 114 28.93 -11.17 -11.05
CA GLY A 114 27.79 -11.95 -11.52
C GLY A 114 26.85 -11.16 -12.41
N GLY A 115 26.90 -9.83 -12.34
CA GLY A 115 26.01 -8.99 -13.09
C GLY A 115 24.82 -8.56 -12.26
N ASN A 116 24.52 -7.26 -12.30
CA ASN A 116 23.25 -6.73 -11.81
C ASN A 116 22.33 -6.58 -13.02
N TYR A 117 21.30 -7.42 -13.08
CA TYR A 117 20.34 -7.43 -14.18
C TYR A 117 19.07 -6.63 -13.89
N ASN A 118 19.00 -5.96 -12.74
CA ASN A 118 17.81 -5.17 -12.41
C ASN A 118 17.65 -3.91 -13.27
N TYR A 119 18.70 -3.37 -13.87
CA TYR A 119 18.56 -2.17 -14.70
C TYR A 119 18.30 -2.56 -16.15
N LEU A 120 17.22 -2.03 -16.71
CA LEU A 120 16.77 -2.40 -18.05
C LEU A 120 16.68 -1.18 -18.96
N TYR A 121 16.63 -1.44 -20.27
CA TYR A 121 16.43 -0.39 -21.26
C TYR A 121 15.58 -0.96 -22.38
N ARG A 122 14.89 -0.07 -23.11
CA ARG A 122 14.08 -0.50 -24.25
C ARG A 122 14.98 -0.57 -25.48
N LEU A 123 15.02 -1.76 -26.09
CA LEU A 123 15.87 -2.05 -27.24
C LEU A 123 15.15 -1.83 -28.56
N PHE A 124 13.82 -2.00 -28.57
CA PHE A 124 13.00 -1.93 -29.78
C PHE A 124 11.78 -1.06 -29.54
N ARG A 125 11.41 -0.25 -30.52
CA ARG A 125 10.14 0.49 -30.46
C ARG A 125 9.71 0.88 -31.87
N LYS A 126 8.40 0.90 -32.12
CA LYS A 126 7.88 1.12 -33.47
C LYS A 126 8.04 2.57 -33.93
N SER A 127 8.29 3.48 -33.00
CA SER A 127 8.49 4.88 -33.34
C SER A 127 9.27 5.53 -32.20
N ASN A 128 9.83 6.72 -32.48
CA ASN A 128 10.58 7.45 -31.47
C ASN A 128 9.66 8.00 -30.40
N LEU A 129 10.20 8.15 -29.19
CA LEU A 129 9.46 8.83 -28.12
C LEU A 129 9.34 10.32 -28.44
N LYS A 130 8.23 10.91 -28.03
CA LYS A 130 8.13 12.36 -27.96
C LYS A 130 8.95 12.86 -26.76
N PRO A 131 9.36 14.13 -26.78
CA PRO A 131 10.13 14.67 -25.65
C PRO A 131 9.39 14.49 -24.32
N PHE A 132 10.11 13.99 -23.32
CA PHE A 132 9.64 13.70 -21.96
C PHE A 132 8.56 12.63 -21.92
N GLU A 133 8.30 11.94 -23.03
CA GLU A 133 7.39 10.78 -22.99
C GLU A 133 8.05 9.60 -22.28
N ARG A 134 7.21 8.76 -21.67
CA ARG A 134 7.68 7.53 -21.04
C ARG A 134 6.87 6.38 -21.59
N ASP A 135 7.57 5.29 -21.92
CA ASP A 135 6.96 4.06 -22.41
C ASP A 135 7.29 2.94 -21.44
N ILE A 136 6.32 2.49 -20.65
CA ILE A 136 6.57 1.38 -19.74
C ILE A 136 5.88 0.10 -20.21
N SER A 137 5.40 0.05 -21.46
CA SER A 137 4.69 -1.11 -21.95
C SER A 137 5.65 -2.28 -22.21
N THR A 138 5.08 -3.47 -22.22
CA THR A 138 5.86 -4.71 -22.30
C THR A 138 5.32 -5.63 -23.39
N GLU A 139 4.87 -5.06 -24.49
CA GLU A 139 4.30 -5.87 -25.56
C GLU A 139 5.44 -6.51 -26.34
N ILE A 140 5.20 -7.70 -26.90
CA ILE A 140 6.22 -8.30 -27.75
C ILE A 140 6.38 -7.45 -29.00
N TYR A 141 7.62 -7.13 -29.34
CA TYR A 141 7.92 -6.27 -30.49
C TYR A 141 7.98 -7.11 -31.75
N GLN A 142 7.12 -6.75 -32.72
CA GLN A 142 7.01 -7.46 -33.99
C GLN A 142 8.02 -6.87 -34.98
N ALA A 143 9.17 -7.52 -35.11
CA ALA A 143 10.24 -7.00 -35.96
C ALA A 143 10.05 -7.39 -37.42
N GLY A 144 9.32 -8.45 -37.71
CA GLY A 144 9.09 -8.89 -39.08
C GLY A 144 7.63 -8.80 -39.47
N SER A 145 7.23 -9.56 -40.49
CA SER A 145 5.87 -9.52 -41.01
C SER A 145 4.89 -10.38 -40.22
N THR A 146 5.37 -11.30 -39.42
CA THR A 146 4.41 -12.18 -38.75
C THR A 146 3.97 -11.56 -37.42
N PRO A 147 2.67 -11.45 -37.14
CA PRO A 147 2.26 -11.01 -35.80
C PRO A 147 2.72 -11.98 -34.73
N CYS A 148 3.09 -11.44 -33.57
CA CYS A 148 3.68 -12.24 -32.51
C CYS A 148 2.66 -12.90 -31.59
N ASN A 149 1.49 -12.27 -31.42
CA ASN A 149 0.41 -12.83 -30.60
C ASN A 149 0.90 -13.21 -29.19
N GLY A 150 1.80 -12.39 -28.64
CA GLY A 150 2.31 -12.60 -27.30
C GLY A 150 3.46 -13.57 -27.17
N VAL A 151 3.79 -14.31 -28.24
CA VAL A 151 4.84 -15.34 -28.20
C VAL A 151 6.16 -14.75 -28.68
N GLU A 152 7.24 -15.02 -27.95
CA GLU A 152 8.60 -14.65 -28.33
C GLU A 152 9.25 -15.71 -29.21
N GLY A 153 10.09 -15.23 -30.13
CA GLY A 153 10.76 -16.10 -31.05
C GLY A 153 11.52 -15.23 -32.02
N PHE A 154 11.83 -15.76 -33.20
CA PHE A 154 12.57 -14.93 -34.14
C PHE A 154 11.68 -13.83 -34.69
N ASN A 155 12.24 -12.63 -34.75
CA ASN A 155 11.54 -11.42 -35.16
C ASN A 155 10.38 -11.05 -34.21
N CYS A 156 10.34 -11.66 -33.01
CA CYS A 156 9.27 -11.38 -32.02
C CYS A 156 9.95 -11.27 -30.66
N TYR A 157 10.33 -10.05 -30.28
CA TYR A 157 11.28 -9.86 -29.19
C TYR A 157 10.64 -9.19 -27.99
N PHE A 158 10.97 -9.66 -26.80
CA PHE A 158 10.63 -8.88 -25.62
C PHE A 158 11.38 -7.56 -25.71
N PRO A 159 10.70 -6.42 -25.50
CA PRO A 159 11.28 -5.13 -25.94
C PRO A 159 12.34 -4.59 -25.00
N LEU A 160 12.38 -5.08 -23.76
CA LEU A 160 13.31 -4.62 -22.75
C LEU A 160 14.45 -5.61 -22.58
N GLN A 161 15.65 -5.08 -22.47
CA GLN A 161 16.83 -5.90 -22.26
C GLN A 161 17.59 -5.37 -21.06
N SER A 162 18.25 -6.29 -20.37
CA SER A 162 18.97 -5.97 -19.17
C SER A 162 20.39 -5.51 -19.48
N TYR A 163 20.83 -4.47 -18.79
CA TYR A 163 22.25 -4.15 -18.77
C TYR A 163 23.02 -5.24 -18.02
N GLY A 164 24.30 -5.35 -18.30
CA GLY A 164 24.85 -6.50 -17.63
C GLY A 164 25.58 -6.22 -16.34
N PHE A 165 25.29 -5.10 -15.66
CA PHE A 165 26.38 -4.36 -15.00
C PHE A 165 27.26 -5.23 -14.09
N GLN A 166 28.52 -5.39 -14.50
CA GLN A 166 29.54 -6.02 -13.67
C GLN A 166 30.63 -5.01 -13.36
N PRO A 167 31.24 -5.07 -12.18
CA PRO A 167 32.21 -4.02 -11.79
C PRO A 167 33.46 -4.02 -12.64
N THR A 168 33.76 -5.15 -13.27
CA THR A 168 34.96 -5.36 -14.08
C THR A 168 34.82 -4.91 -15.54
N ASN A 169 33.62 -4.51 -15.98
CA ASN A 169 33.45 -3.94 -17.32
C ASN A 169 34.36 -2.73 -17.50
N GLY A 170 34.74 -2.45 -18.75
CA GLY A 170 35.30 -1.13 -19.06
C GLY A 170 34.30 -0.02 -18.86
N VAL A 171 34.80 1.22 -18.75
CA VAL A 171 33.97 2.32 -18.28
C VAL A 171 32.77 2.56 -19.19
N GLY A 172 32.93 2.28 -20.49
CA GLY A 172 31.85 2.42 -21.44
C GLY A 172 30.65 1.56 -21.14
N TYR A 173 30.87 0.43 -20.46
CA TYR A 173 29.81 -0.49 -20.07
C TYR A 173 29.51 -0.46 -18.57
N GLN A 174 30.05 0.46 -17.87
CA GLN A 174 29.74 0.62 -16.46
C GLN A 174 28.49 1.49 -16.28
N PRO A 175 27.76 1.31 -15.17
CA PRO A 175 26.57 2.15 -14.92
C PRO A 175 26.94 3.59 -14.59
N TYR A 176 26.16 4.51 -15.15
CA TYR A 176 26.19 5.93 -14.81
C TYR A 176 24.79 6.33 -14.35
N ARG A 177 24.73 6.98 -13.17
CA ARG A 177 23.48 7.59 -12.69
C ARG A 177 23.36 8.96 -13.32
N VAL A 178 22.16 9.31 -13.76
CA VAL A 178 21.91 10.53 -14.50
C VAL A 178 20.74 11.23 -13.81
N VAL A 179 20.89 12.54 -13.60
CA VAL A 179 19.81 13.42 -13.17
C VAL A 179 19.67 14.51 -14.21
N VAL A 180 18.47 14.68 -14.75
CA VAL A 180 18.15 15.73 -15.68
C VAL A 180 17.27 16.71 -14.94
N LEU A 181 17.77 17.94 -14.80
CA LEU A 181 17.02 19.01 -14.15
C LEU A 181 16.41 19.87 -15.24
N SER A 182 15.10 19.98 -15.25
CA SER A 182 14.43 20.86 -16.20
C SER A 182 13.85 22.05 -15.47
N PHE A 183 14.00 23.24 -16.03
CA PHE A 183 13.50 24.47 -15.43
C PHE A 183 12.22 24.87 -16.14
N GLU A 184 11.11 24.92 -15.42
CA GLU A 184 9.80 25.15 -16.03
C GLU A 184 9.34 26.57 -15.77
N LEU A 185 8.75 27.20 -16.80
CA LEU A 185 8.11 28.51 -16.68
C LEU A 185 6.68 28.38 -17.16
N LEU A 186 5.74 28.58 -16.25
CA LEU A 186 4.33 28.60 -16.57
C LEU A 186 3.75 29.98 -16.22
N HIS A 187 2.50 30.19 -16.62
CA HIS A 187 1.73 31.38 -16.24
C HIS A 187 1.26 31.27 -14.80
N ALA A 188 2.22 31.35 -13.89
CA ALA A 188 1.97 31.13 -12.48
C ALA A 188 3.14 31.69 -11.71
N PRO A 189 2.98 31.96 -10.41
CA PRO A 189 4.08 32.52 -9.62
C PRO A 189 5.28 31.58 -9.60
N ALA A 190 6.49 32.16 -9.57
CA ALA A 190 7.68 31.32 -9.46
C ALA A 190 7.81 30.79 -8.04
N THR A 191 8.23 29.52 -7.91
CA THR A 191 8.38 28.95 -6.57
C THR A 191 9.77 28.40 -6.31
N VAL A 192 10.66 28.36 -7.29
CA VAL A 192 12.01 27.87 -7.06
C VAL A 192 12.99 28.95 -7.50
N CYS A 193 13.79 29.44 -6.56
CA CYS A 193 14.68 30.58 -6.78
C CYS A 193 16.08 30.24 -6.32
N GLY A 194 17.06 30.96 -6.86
CA GLY A 194 18.40 30.89 -6.34
C GLY A 194 18.48 31.69 -5.06
N PRO A 195 19.61 31.63 -4.35
CA PRO A 195 19.76 32.35 -3.07
C PRO A 195 19.83 33.88 -3.18
N GLN B 1 -6.18 6.01 1.91
CA GLN B 1 -6.44 5.71 0.51
C GLN B 1 -6.76 6.96 -0.31
N VAL B 2 -6.31 6.89 -1.56
CA VAL B 2 -6.58 7.94 -2.53
C VAL B 2 -8.04 7.91 -2.91
N GLN B 3 -8.71 9.06 -2.83
CA GLN B 3 -10.09 9.12 -3.27
C GLN B 3 -10.48 10.53 -3.68
N LEU B 4 -11.52 10.58 -4.51
CA LEU B 4 -12.15 11.79 -5.01
C LEU B 4 -13.62 11.71 -4.62
N VAL B 5 -14.10 12.71 -3.89
CA VAL B 5 -15.49 12.74 -3.41
C VAL B 5 -16.17 13.96 -4.02
N GLN B 6 -17.21 13.72 -4.80
CA GLN B 6 -17.92 14.77 -5.52
C GLN B 6 -19.14 15.25 -4.73
N SER B 7 -19.60 16.45 -5.07
CA SER B 7 -20.79 17.03 -4.44
C SER B 7 -22.05 16.31 -4.94
N GLY B 8 -23.20 16.60 -4.30
CA GLY B 8 -24.40 15.83 -4.56
C GLY B 8 -25.16 16.22 -5.82
N ALA B 9 -26.26 15.50 -6.05
CA ALA B 9 -27.07 15.65 -7.26
C ALA B 9 -27.67 17.05 -7.36
N GLU B 10 -27.74 17.58 -8.60
CA GLU B 10 -28.23 18.92 -8.88
C GLU B 10 -29.38 18.84 -9.88
N VAL B 11 -30.40 19.68 -9.67
CA VAL B 11 -31.49 19.85 -10.62
C VAL B 11 -31.55 21.34 -10.95
N LYS B 12 -31.48 21.67 -12.24
CA LYS B 12 -31.33 23.06 -12.68
C LYS B 12 -32.29 23.34 -13.83
N LYS B 13 -32.69 24.58 -13.97
CA LYS B 13 -33.52 24.91 -15.12
C LYS B 13 -32.65 25.17 -16.33
N PRO B 14 -33.19 25.00 -17.54
CA PRO B 14 -32.42 25.35 -18.74
C PRO B 14 -31.96 26.80 -18.69
N GLY B 15 -30.74 27.03 -19.19
CA GLY B 15 -30.12 28.35 -19.16
C GLY B 15 -29.44 28.71 -17.86
N ALA B 16 -29.64 27.94 -16.79
CA ALA B 16 -28.96 28.23 -15.53
C ALA B 16 -27.50 27.77 -15.60
N SER B 17 -26.77 27.97 -14.53
CA SER B 17 -25.43 27.41 -14.37
C SER B 17 -25.40 26.44 -13.21
N VAL B 18 -24.42 25.54 -13.24
CA VAL B 18 -24.22 24.61 -12.13
C VAL B 18 -22.73 24.58 -11.83
N LYS B 19 -22.38 24.43 -10.55
CA LYS B 19 -20.99 24.30 -10.13
C LYS B 19 -20.83 23.06 -9.27
N VAL B 20 -20.03 22.10 -9.73
CA VAL B 20 -19.87 20.83 -9.03
C VAL B 20 -18.45 20.78 -8.46
N SER B 21 -18.31 20.10 -7.32
CA SER B 21 -17.05 20.10 -6.61
C SER B 21 -16.51 18.67 -6.53
N CYS B 22 -15.20 18.57 -6.34
CA CYS B 22 -14.52 17.28 -6.29
C CYS B 22 -13.38 17.43 -5.28
N LYS B 23 -13.50 16.80 -4.11
CA LYS B 23 -12.49 16.92 -3.08
C LYS B 23 -11.57 15.72 -3.10
N ALA B 24 -10.26 15.96 -3.10
CA ALA B 24 -9.24 14.93 -3.19
C ALA B 24 -8.64 14.66 -1.83
N SER B 25 -8.35 13.40 -1.56
CA SER B 25 -7.65 13.11 -0.31
C SER B 25 -6.80 11.88 -0.51
N GLY B 26 -5.79 11.75 0.34
CA GLY B 26 -4.95 10.59 0.32
C GLY B 26 -3.70 10.73 -0.51
N TYR B 27 -3.45 11.93 -1.07
CA TYR B 27 -2.29 12.20 -1.88
C TYR B 27 -2.12 13.72 -1.94
N THR B 28 -1.03 14.16 -2.57
CA THR B 28 -0.75 15.60 -2.64
C THR B 28 -1.48 16.14 -3.85
N PHE B 29 -2.50 16.97 -3.59
CA PHE B 29 -3.43 17.46 -4.60
C PHE B 29 -2.72 18.03 -5.82
N THR B 30 -1.69 18.83 -5.63
CA THR B 30 -1.08 19.48 -6.80
C THR B 30 -0.21 18.54 -7.63
N ASP B 31 0.01 17.28 -7.18
CA ASP B 31 0.90 16.38 -7.91
C ASP B 31 0.30 15.88 -9.22
N TYR B 32 -1.03 15.93 -9.38
CA TYR B 32 -1.68 15.23 -10.48
C TYR B 32 -2.71 16.14 -11.12
N PHE B 33 -2.80 16.11 -12.45
CA PHE B 33 -3.92 16.79 -13.09
C PHE B 33 -5.24 16.11 -12.73
N LEU B 34 -6.34 16.84 -12.92
CA LEU B 34 -7.67 16.27 -12.76
C LEU B 34 -8.40 16.44 -14.09
N HIS B 35 -9.18 15.44 -14.48
CA HIS B 35 -9.98 15.47 -15.69
C HIS B 35 -11.44 15.52 -15.31
N TRP B 36 -12.27 16.07 -16.19
CA TRP B 36 -13.70 15.98 -16.01
C TRP B 36 -14.28 15.26 -17.21
N VAL B 37 -15.16 14.31 -16.94
CA VAL B 37 -15.74 13.43 -17.94
C VAL B 37 -17.24 13.34 -17.66
N ARG B 38 -18.06 13.38 -18.70
CA ARG B 38 -19.47 13.22 -18.40
C ARG B 38 -20.07 12.09 -19.24
N GLN B 39 -21.26 11.69 -18.83
CA GLN B 39 -21.92 10.53 -19.42
C GLN B 39 -23.43 10.73 -19.39
N ALA B 40 -24.01 10.94 -20.58
CA ALA B 40 -25.45 11.13 -20.66
C ALA B 40 -26.14 9.77 -20.52
N PRO B 41 -27.40 9.78 -20.08
CA PRO B 41 -28.07 8.51 -19.76
C PRO B 41 -28.00 7.54 -20.93
N GLY B 42 -27.51 6.34 -20.65
CA GLY B 42 -27.40 5.32 -21.68
C GLY B 42 -26.40 5.58 -22.77
N GLN B 43 -25.51 6.56 -22.62
CA GLN B 43 -24.53 6.90 -23.66
C GLN B 43 -23.11 6.71 -23.13
N GLY B 44 -22.14 7.02 -23.98
CA GLY B 44 -20.75 6.81 -23.66
C GLY B 44 -20.14 7.94 -22.84
N LEU B 45 -18.86 7.76 -22.52
CA LEU B 45 -18.08 8.76 -21.82
C LEU B 45 -17.62 9.86 -22.78
N GLU B 46 -17.64 11.10 -22.29
CA GLU B 46 -17.23 12.26 -23.07
C GLU B 46 -16.29 13.12 -22.25
N TRP B 47 -15.08 13.35 -22.77
CA TRP B 47 -14.11 14.14 -22.03
C TRP B 47 -14.49 15.62 -22.06
N MET B 48 -14.36 16.27 -20.92
CA MET B 48 -14.63 17.70 -20.87
C MET B 48 -13.38 18.56 -20.81
N GLY B 49 -12.27 18.07 -20.28
CA GLY B 49 -11.09 18.89 -20.16
C GLY B 49 -10.27 18.45 -18.97
N TRP B 50 -9.05 19.00 -18.88
CA TRP B 50 -8.23 18.84 -17.68
C TRP B 50 -7.87 20.16 -17.04
N ILE B 51 -7.61 20.09 -15.73
CA ILE B 51 -7.09 21.20 -14.95
C ILE B 51 -5.82 20.74 -14.25
N ASN B 52 -4.83 21.62 -14.21
CA ASN B 52 -3.60 21.38 -13.47
C ASN B 52 -3.73 22.11 -12.15
N PRO B 53 -3.93 21.40 -11.03
CA PRO B 53 -4.11 22.11 -9.74
C PRO B 53 -2.86 22.83 -9.29
N ASP B 54 -1.70 22.46 -9.85
CA ASP B 54 -0.46 23.14 -9.49
C ASP B 54 -0.39 24.56 -10.07
N SER B 55 -0.90 24.76 -11.29
CA SER B 55 -0.82 26.07 -11.94
C SER B 55 -2.17 26.76 -12.09
N GLY B 56 -3.27 26.01 -11.99
CA GLY B 56 -4.57 26.49 -12.42
C GLY B 56 -4.80 26.47 -13.91
N GLY B 57 -3.80 26.06 -14.70
CA GLY B 57 -4.00 25.98 -16.14
C GLY B 57 -5.01 24.91 -16.51
N THR B 58 -5.62 25.08 -17.68
CA THR B 58 -6.69 24.21 -18.13
C THR B 58 -6.53 23.92 -19.60
N ASN B 59 -7.17 22.84 -20.02
CA ASN B 59 -7.32 22.50 -21.43
C ASN B 59 -8.72 21.95 -21.62
N TYR B 60 -9.61 22.75 -22.21
CA TYR B 60 -11.01 22.38 -22.35
C TYR B 60 -11.25 21.71 -23.69
N ALA B 61 -12.19 20.78 -23.69
CA ALA B 61 -12.63 20.19 -24.94
C ALA B 61 -13.34 21.27 -25.76
N GLN B 62 -13.12 21.27 -27.07
CA GLN B 62 -13.58 22.41 -27.85
C GLN B 62 -15.10 22.56 -27.79
N ARG B 63 -15.83 21.46 -27.64
CA ARG B 63 -17.29 21.53 -27.57
C ARG B 63 -17.78 22.35 -26.36
N PHE B 64 -16.96 22.45 -25.31
CA PHE B 64 -17.35 23.17 -24.09
C PHE B 64 -16.56 24.44 -23.88
N GLN B 65 -15.60 24.74 -24.76
CA GLN B 65 -14.89 26.01 -24.66
C GLN B 65 -15.90 27.15 -24.68
N GLY B 66 -15.79 28.04 -23.69
CA GLY B 66 -16.67 29.17 -23.56
C GLY B 66 -17.90 28.93 -22.69
N ARG B 67 -18.15 27.67 -22.30
CA ARG B 67 -19.30 27.31 -21.46
C ARG B 67 -18.90 26.67 -20.16
N VAL B 68 -17.66 26.19 -20.02
CA VAL B 68 -17.20 25.47 -18.85
C VAL B 68 -16.01 26.22 -18.28
N THR B 69 -15.96 26.31 -16.96
CA THR B 69 -14.82 26.85 -16.25
C THR B 69 -14.41 25.86 -15.20
N MET B 70 -13.16 25.38 -15.28
CA MET B 70 -12.62 24.61 -14.16
C MET B 70 -11.65 25.43 -13.30
N THR B 71 -11.78 25.25 -11.98
CA THR B 71 -10.97 25.98 -11.01
C THR B 71 -10.54 25.04 -9.93
N ARG B 72 -9.70 25.52 -9.02
CA ARG B 72 -9.36 24.70 -7.88
C ARG B 72 -9.03 25.60 -6.70
N ASP B 73 -9.17 25.01 -5.51
CA ASP B 73 -8.80 25.62 -4.23
C ASP B 73 -7.86 24.65 -3.55
N THR B 74 -6.56 24.91 -3.67
CA THR B 74 -5.56 23.98 -3.16
C THR B 74 -5.57 23.93 -1.63
N SER B 75 -5.92 25.04 -0.96
CA SER B 75 -6.00 25.04 0.50
C SER B 75 -6.91 23.92 1.02
N ILE B 76 -7.94 23.54 0.28
CA ILE B 76 -8.85 22.49 0.70
C ILE B 76 -8.89 21.33 -0.29
N SER B 77 -7.86 21.21 -1.14
CA SER B 77 -7.70 20.10 -2.10
C SER B 77 -8.98 19.82 -2.86
N THR B 78 -9.57 20.88 -3.42
CA THR B 78 -10.86 20.74 -4.10
C THR B 78 -10.81 21.35 -5.49
N ALA B 79 -11.32 20.62 -6.48
CA ALA B 79 -11.48 21.14 -7.84
C ALA B 79 -12.96 21.41 -8.11
N TYR B 80 -13.23 22.43 -8.93
CA TYR B 80 -14.61 22.77 -9.25
C TYR B 80 -14.79 22.81 -10.76
N MET B 81 -15.96 22.42 -11.23
CA MET B 81 -16.35 22.63 -12.61
C MET B 81 -17.68 23.32 -12.67
N GLU B 82 -17.72 24.47 -13.36
CA GLU B 82 -18.95 25.24 -13.56
C GLU B 82 -19.34 25.11 -15.03
N VAL B 83 -20.57 24.70 -15.28
CA VAL B 83 -21.11 24.62 -16.63
C VAL B 83 -22.18 25.67 -16.73
N SER B 84 -22.08 26.55 -17.73
CA SER B 84 -23.07 27.60 -17.83
C SER B 84 -23.99 27.34 -19.03
N ARG B 85 -25.06 28.14 -19.10
CA ARG B 85 -26.05 28.05 -20.19
C ARG B 85 -26.52 26.61 -20.39
N LEU B 86 -27.00 26.02 -19.30
CA LEU B 86 -27.33 24.60 -19.33
C LEU B 86 -28.44 24.30 -20.34
N ARG B 87 -28.30 23.18 -21.06
CA ARG B 87 -29.30 22.68 -22.00
C ARG B 87 -29.84 21.35 -21.46
N SER B 88 -31.02 20.94 -21.97
CA SER B 88 -31.60 19.70 -21.48
C SER B 88 -30.63 18.52 -21.68
N ASP B 89 -29.93 18.50 -22.81
CA ASP B 89 -29.00 17.38 -23.03
C ASP B 89 -27.65 17.55 -22.33
N ASP B 90 -27.50 18.54 -21.45
CA ASP B 90 -26.43 18.50 -20.45
C ASP B 90 -26.77 17.58 -19.29
N THR B 91 -27.96 16.98 -19.32
CA THR B 91 -28.35 16.05 -18.27
C THR B 91 -27.43 14.85 -18.34
N ALA B 92 -26.72 14.57 -17.25
CA ALA B 92 -25.67 13.56 -17.33
C ALA B 92 -25.09 13.35 -15.94
N VAL B 93 -24.27 12.31 -15.84
CA VAL B 93 -23.42 12.15 -14.68
C VAL B 93 -22.07 12.79 -15.03
N TYR B 94 -21.54 13.57 -14.09
CA TYR B 94 -20.28 14.29 -14.22
C TYR B 94 -19.29 13.67 -13.24
N TYR B 95 -18.17 13.14 -13.77
CA TYR B 95 -17.06 12.57 -13.02
C TYR B 95 -15.86 13.51 -13.02
N CYS B 96 -15.20 13.63 -11.88
CA CYS B 96 -13.81 14.04 -11.91
C CYS B 96 -12.96 12.78 -11.75
N ALA B 97 -11.78 12.81 -12.37
CA ALA B 97 -10.90 11.64 -12.36
C ALA B 97 -9.48 12.12 -12.32
N ARG B 98 -8.63 11.39 -11.61
CA ARG B 98 -7.25 11.79 -11.47
C ARG B 98 -6.43 11.30 -12.66
N ASP B 99 -5.69 12.22 -13.28
CA ASP B 99 -4.68 11.86 -14.29
C ASP B 99 -3.64 10.98 -13.61
N ASN B 100 -3.27 9.86 -14.26
CA ASN B 100 -2.52 8.84 -13.52
C ASN B 100 -1.00 9.07 -13.53
N GLU B 101 -0.52 10.14 -14.14
CA GLU B 101 0.91 10.41 -14.26
C GLU B 101 1.32 11.52 -13.30
N ARG B 102 2.10 11.16 -12.28
CA ARG B 102 2.56 12.16 -11.32
C ARG B 102 3.50 13.18 -11.98
N TYR B 103 3.33 14.46 -11.62
CA TYR B 103 4.29 15.51 -11.97
C TYR B 103 4.42 15.75 -13.47
N GLN B 104 3.30 15.96 -14.12
CA GLN B 104 3.35 16.37 -15.53
C GLN B 104 4.08 17.70 -15.66
N MET B 105 4.81 17.87 -16.76
CA MET B 105 5.21 19.21 -17.20
C MET B 105 4.14 19.70 -18.14
N GLN B 106 3.48 20.81 -17.78
CA GLN B 106 2.29 21.24 -18.51
C GLN B 106 2.57 21.49 -20.00
N ASN B 107 3.72 22.08 -20.33
CA ASN B 107 4.12 22.36 -21.71
C ASN B 107 4.60 21.11 -22.44
N TYR B 108 4.75 20.00 -21.74
CA TYR B 108 5.11 18.72 -22.35
C TYR B 108 4.24 17.62 -21.79
N TYR B 109 2.91 17.86 -21.80
CA TYR B 109 1.94 16.97 -21.17
C TYR B 109 1.83 15.66 -21.93
N HIS B 110 1.65 14.55 -21.18
CA HIS B 110 1.42 13.23 -21.78
C HIS B 110 0.29 12.53 -21.03
N TYR B 111 -0.76 12.15 -21.74
CA TYR B 111 -1.92 11.46 -21.16
C TYR B 111 -1.72 9.95 -21.22
N TYR B 112 -1.68 9.29 -20.07
CA TYR B 112 -1.58 7.83 -20.01
C TYR B 112 -2.80 7.21 -19.38
N GLY B 113 -3.77 7.99 -18.90
CA GLY B 113 -5.02 7.44 -18.45
C GLY B 113 -5.47 8.06 -17.13
N MET B 114 -6.59 7.57 -16.59
CA MET B 114 -7.12 8.18 -15.37
C MET B 114 -7.36 7.10 -14.33
N ASP B 115 -6.63 7.17 -13.21
CA ASP B 115 -6.58 5.98 -12.34
C ASP B 115 -7.55 6.01 -11.16
N VAL B 116 -7.95 7.19 -10.68
CA VAL B 116 -8.85 7.32 -9.53
C VAL B 116 -10.06 8.13 -9.98
N TRP B 117 -11.27 7.62 -9.72
CA TRP B 117 -12.50 8.26 -10.19
C TRP B 117 -13.37 8.64 -9.02
N GLY B 118 -13.89 9.86 -9.06
CA GLY B 118 -14.99 10.24 -8.20
C GLY B 118 -16.21 9.33 -8.41
N GLN B 119 -17.15 9.41 -7.48
CA GLN B 119 -18.36 8.59 -7.58
C GLN B 119 -19.35 9.16 -8.58
N GLY B 120 -19.17 10.40 -9.02
CA GLY B 120 -20.06 11.00 -9.99
C GLY B 120 -21.08 11.92 -9.32
N THR B 121 -21.53 12.92 -10.08
CA THR B 121 -22.56 13.87 -9.66
C THR B 121 -23.59 13.93 -10.77
N THR B 122 -24.86 13.67 -10.48
CA THR B 122 -25.86 13.80 -11.53
C THR B 122 -26.27 15.27 -11.62
N VAL B 123 -26.41 15.77 -12.85
CA VAL B 123 -27.00 17.08 -13.10
C VAL B 123 -28.15 16.86 -14.06
N THR B 124 -29.34 17.34 -13.66
CA THR B 124 -30.55 17.19 -14.44
C THR B 124 -31.06 18.57 -14.79
N VAL B 125 -31.30 18.82 -16.08
CA VAL B 125 -31.67 20.15 -16.58
C VAL B 125 -33.09 20.03 -17.11
N VAL B 126 -34.06 20.59 -16.37
CA VAL B 126 -35.47 20.47 -16.69
C VAL B 126 -36.19 21.73 -16.24
N SER B 127 -37.24 22.09 -16.97
CA SER B 127 -38.15 23.15 -16.54
C SER B 127 -39.28 22.61 -15.67
N ARG B 128 -39.74 21.39 -15.97
CA ARG B 128 -40.82 20.72 -15.24
C ARG B 128 -40.26 19.85 -14.12
N ARG B 129 -40.91 19.84 -12.96
CA ARG B 129 -40.74 18.76 -12.00
C ARG B 129 -42.13 18.31 -11.57
N LEU B 130 -42.42 17.02 -11.77
CA LEU B 130 -43.78 16.47 -11.61
C LEU B 130 -43.72 15.20 -10.76
N PRO B 131 -44.44 15.14 -9.64
CA PRO B 131 -44.32 13.97 -8.76
C PRO B 131 -45.08 12.79 -9.32
N PRO B 132 -44.73 11.58 -8.90
CA PRO B 132 -45.42 10.38 -9.40
C PRO B 132 -46.67 10.09 -8.60
N SER B 133 -47.61 9.42 -9.25
CA SER B 133 -48.66 8.67 -8.56
C SER B 133 -48.17 7.26 -8.30
N VAL B 134 -48.51 6.72 -7.13
CA VAL B 134 -48.07 5.39 -6.77
C VAL B 134 -49.28 4.52 -6.56
N PHE B 135 -49.32 3.38 -7.25
CA PHE B 135 -50.42 2.44 -7.15
C PHE B 135 -49.90 1.08 -6.71
N PRO B 136 -50.67 0.36 -5.90
CA PRO B 136 -50.24 -0.98 -5.48
C PRO B 136 -50.47 -2.00 -6.59
N LEU B 137 -49.59 -3.01 -6.66
CA LEU B 137 -49.80 -4.24 -7.44
C LEU B 137 -50.00 -5.33 -6.38
N ALA B 138 -51.27 -5.56 -6.03
CA ALA B 138 -51.61 -6.41 -4.91
C ALA B 138 -51.26 -7.87 -5.20
N PRO B 139 -50.76 -8.61 -4.22
CA PRO B 139 -50.60 -10.05 -4.42
C PRO B 139 -51.97 -10.69 -4.48
N SER B 140 -52.12 -11.68 -5.35
CA SER B 140 -53.41 -12.35 -5.55
C SER B 140 -53.17 -13.82 -5.82
N SER B 141 -54.25 -14.55 -6.10
CA SER B 141 -54.08 -15.93 -6.54
C SER B 141 -53.29 -16.00 -7.84
N LYS B 142 -53.58 -15.10 -8.78
CA LYS B 142 -52.89 -15.11 -10.08
C LYS B 142 -51.42 -14.75 -9.94
N SER B 143 -51.05 -14.00 -8.91
CA SER B 143 -49.66 -13.62 -8.68
C SER B 143 -48.96 -14.53 -7.66
N THR B 144 -49.65 -15.56 -7.16
CA THR B 144 -49.06 -16.51 -6.23
C THR B 144 -48.81 -17.83 -6.95
N SER B 145 -47.67 -18.45 -6.63
CA SER B 145 -47.31 -19.74 -7.22
C SER B 145 -46.57 -20.55 -6.15
N GLY B 146 -47.30 -21.50 -5.54
CA GLY B 146 -46.72 -22.51 -4.67
C GLY B 146 -45.78 -22.03 -3.60
N GLY B 147 -46.28 -21.25 -2.65
CA GLY B 147 -45.49 -20.81 -1.54
C GLY B 147 -44.93 -19.41 -1.68
N THR B 148 -44.81 -18.89 -2.90
CA THR B 148 -44.33 -17.55 -3.16
C THR B 148 -45.37 -16.73 -3.91
N ALA B 149 -45.48 -15.46 -3.54
CA ALA B 149 -46.37 -14.50 -4.20
C ALA B 149 -45.56 -13.30 -4.69
N ALA B 150 -46.01 -12.70 -5.79
CA ALA B 150 -45.42 -11.47 -6.29
C ALA B 150 -46.31 -10.29 -5.93
N LEU B 151 -45.68 -9.20 -5.50
CA LEU B 151 -46.42 -7.97 -5.23
C LEU B 151 -45.52 -6.80 -5.61
N GLY B 152 -46.10 -5.63 -5.79
CA GLY B 152 -45.24 -4.52 -6.18
C GLY B 152 -45.93 -3.19 -6.08
N CYS B 153 -45.29 -2.21 -6.73
CA CYS B 153 -45.73 -0.82 -6.77
C CYS B 153 -45.50 -0.28 -8.18
N LEU B 154 -46.53 0.34 -8.73
CA LEU B 154 -46.48 1.02 -10.02
C LEU B 154 -46.32 2.53 -9.78
N VAL B 155 -45.25 3.12 -10.34
CA VAL B 155 -44.88 4.52 -10.14
C VAL B 155 -45.09 5.21 -11.48
N LYS B 156 -46.12 6.05 -11.56
CA LYS B 156 -46.67 6.50 -12.81
C LYS B 156 -46.54 8.01 -12.96
N ASP B 157 -46.19 8.45 -14.19
CA ASP B 157 -46.41 9.81 -14.66
C ASP B 157 -45.58 10.84 -13.87
N TYR B 158 -44.29 10.54 -13.69
CA TYR B 158 -43.39 11.47 -13.02
C TYR B 158 -42.42 12.08 -14.03
N PHE B 159 -41.74 13.14 -13.61
CA PHE B 159 -40.76 13.78 -14.50
C PHE B 159 -39.90 14.79 -13.74
N PRO B 160 -38.58 14.80 -13.96
CA PRO B 160 -37.85 13.84 -14.81
C PRO B 160 -37.44 12.60 -14.00
N GLU B 161 -36.62 11.75 -14.62
CA GLU B 161 -35.92 10.72 -13.89
C GLU B 161 -35.00 11.39 -12.87
N PRO B 162 -34.62 10.69 -11.78
CA PRO B 162 -35.00 9.32 -11.43
C PRO B 162 -35.96 9.26 -10.25
N VAL B 163 -36.60 8.10 -10.07
CA VAL B 163 -37.17 7.75 -8.77
C VAL B 163 -36.39 6.58 -8.23
N THR B 164 -36.24 6.54 -6.92
CA THR B 164 -35.68 5.36 -6.27
C THR B 164 -36.79 4.71 -5.47
N VAL B 165 -36.73 3.39 -5.34
CA VAL B 165 -37.75 2.64 -4.60
C VAL B 165 -37.04 1.75 -3.60
N SER B 166 -37.44 1.86 -2.33
CA SER B 166 -37.03 0.84 -1.38
C SER B 166 -38.28 0.16 -0.85
N TRP B 167 -38.12 -0.96 -0.17
CA TRP B 167 -39.26 -1.62 0.44
C TRP B 167 -39.08 -1.64 1.94
N ASN B 168 -40.13 -1.26 2.67
CA ASN B 168 -40.08 -1.38 4.12
C ASN B 168 -38.89 -0.62 4.71
N SER B 169 -38.63 0.57 4.16
CA SER B 169 -37.55 1.45 4.60
C SER B 169 -36.19 0.77 4.52
N GLY B 170 -36.02 -0.12 3.56
CA GLY B 170 -34.78 -0.82 3.37
C GLY B 170 -34.68 -2.13 4.10
N ALA B 171 -35.63 -2.44 4.99
CA ALA B 171 -35.57 -3.71 5.69
C ALA B 171 -35.77 -4.88 4.75
N LEU B 172 -36.50 -4.69 3.65
CA LEU B 172 -36.83 -5.78 2.74
C LEU B 172 -35.97 -5.62 1.49
N THR B 173 -35.06 -6.55 1.26
CA THR B 173 -34.18 -6.48 0.10
C THR B 173 -34.17 -7.76 -0.72
N SER B 174 -34.24 -8.91 -0.07
CA SER B 174 -34.26 -10.18 -0.79
C SER B 174 -35.50 -10.26 -1.66
N GLY B 175 -35.31 -10.67 -2.91
CA GLY B 175 -36.41 -10.87 -3.84
C GLY B 175 -36.95 -9.61 -4.50
N VAL B 176 -36.32 -8.45 -4.29
CA VAL B 176 -36.77 -7.17 -4.82
C VAL B 176 -36.15 -6.96 -6.22
N HIS B 177 -36.95 -6.45 -7.15
CA HIS B 177 -36.42 -5.98 -8.43
C HIS B 177 -37.15 -4.72 -8.84
N THR B 178 -36.40 -3.64 -9.04
CA THR B 178 -36.98 -2.40 -9.52
C THR B 178 -36.55 -2.23 -10.98
N PHE B 179 -37.54 -2.12 -11.87
CA PHE B 179 -37.31 -2.08 -13.31
C PHE B 179 -36.88 -0.69 -13.77
N PRO B 180 -36.23 -0.61 -14.92
CA PRO B 180 -35.99 0.71 -15.51
C PRO B 180 -37.29 1.37 -15.93
N ALA B 181 -37.23 2.70 -16.07
CA ALA B 181 -38.43 3.43 -16.46
C ALA B 181 -38.70 3.30 -17.95
N VAL B 182 -39.99 3.39 -18.30
CA VAL B 182 -40.43 3.60 -19.66
C VAL B 182 -40.73 5.08 -19.82
N LEU B 183 -40.46 5.60 -21.02
CA LEU B 183 -40.88 6.94 -21.41
C LEU B 183 -42.12 6.78 -22.27
N GLN B 184 -43.26 7.24 -21.77
CA GLN B 184 -44.46 7.11 -22.56
C GLN B 184 -44.53 8.24 -23.58
N SER B 185 -45.45 8.06 -24.54
CA SER B 185 -45.72 9.08 -25.57
C SER B 185 -46.17 10.40 -24.96
N SER B 186 -46.47 10.42 -23.67
CA SER B 186 -46.83 11.61 -22.93
C SER B 186 -45.62 12.45 -22.50
N GLY B 187 -44.41 11.88 -22.55
CA GLY B 187 -43.24 12.56 -22.00
C GLY B 187 -42.98 12.32 -20.53
N LEU B 188 -43.94 11.77 -19.79
CA LEU B 188 -43.74 11.38 -18.40
C LEU B 188 -43.20 9.95 -18.29
N TYR B 189 -42.53 9.68 -17.18
CA TYR B 189 -41.91 8.38 -16.95
C TYR B 189 -42.81 7.51 -16.07
N SER B 190 -42.67 6.20 -16.24
CA SER B 190 -43.31 5.22 -15.36
C SER B 190 -42.34 4.07 -15.13
N LEU B 191 -42.39 3.51 -13.92
CA LEU B 191 -41.65 2.30 -13.66
C LEU B 191 -42.42 1.47 -12.65
N SER B 192 -41.92 0.28 -12.38
CA SER B 192 -42.49 -0.63 -11.39
C SER B 192 -41.38 -1.21 -10.55
N SER B 193 -41.76 -1.61 -9.34
CA SER B 193 -40.90 -2.34 -8.42
C SER B 193 -41.68 -3.54 -7.92
N VAL B 194 -41.06 -4.70 -7.91
CA VAL B 194 -41.74 -5.93 -7.53
C VAL B 194 -40.91 -6.66 -6.49
N VAL B 195 -41.57 -7.47 -5.68
CA VAL B 195 -40.88 -8.30 -4.70
C VAL B 195 -41.62 -9.64 -4.62
N THR B 196 -40.83 -10.72 -4.65
CA THR B 196 -41.29 -12.09 -4.42
C THR B 196 -41.16 -12.37 -2.93
N VAL B 197 -42.25 -12.81 -2.32
CA VAL B 197 -42.30 -12.98 -0.87
C VAL B 197 -42.95 -14.32 -0.55
N PRO B 198 -42.74 -14.84 0.66
CA PRO B 198 -43.46 -16.06 1.07
C PRO B 198 -44.95 -15.79 1.17
N SER B 199 -45.74 -16.58 0.44
CA SER B 199 -47.19 -16.44 0.53
C SER B 199 -47.70 -16.66 1.96
N SER B 200 -47.01 -17.51 2.73
CA SER B 200 -47.43 -17.73 4.11
C SER B 200 -47.34 -16.46 4.95
N SER B 201 -46.56 -15.47 4.50
CA SER B 201 -46.35 -14.23 5.23
C SER B 201 -47.48 -13.24 5.03
N LEU B 202 -48.38 -13.47 4.06
CA LEU B 202 -49.22 -12.39 3.57
C LEU B 202 -50.17 -11.85 4.63
N GLY B 203 -50.45 -12.62 5.67
CA GLY B 203 -51.50 -12.19 6.59
C GLY B 203 -50.98 -11.34 7.73
N THR B 204 -49.67 -11.44 7.99
CA THR B 204 -49.07 -10.71 9.08
C THR B 204 -47.99 -9.72 8.65
N GLN B 205 -47.26 -9.97 7.55
CA GLN B 205 -46.21 -9.04 7.11
C GLN B 205 -46.84 -7.84 6.40
N THR B 206 -46.39 -6.65 6.76
CA THR B 206 -46.79 -5.42 6.09
C THR B 206 -45.74 -5.10 5.02
N TYR B 207 -46.21 -4.68 3.85
CA TYR B 207 -45.35 -4.33 2.71
C TYR B 207 -45.64 -2.89 2.29
N ILE B 208 -44.61 -2.04 2.37
CA ILE B 208 -44.74 -0.63 2.00
C ILE B 208 -43.58 -0.32 1.04
N CYS B 209 -43.91 0.22 -0.12
CA CYS B 209 -42.88 0.71 -1.04
C CYS B 209 -42.68 2.21 -0.81
N ASN B 210 -41.40 2.60 -0.68
CA ASN B 210 -41.00 3.97 -0.42
C ASN B 210 -40.42 4.52 -1.72
N VAL B 211 -41.13 5.47 -2.31
CA VAL B 211 -40.83 6.02 -3.63
C VAL B 211 -40.27 7.42 -3.41
N ASN B 212 -38.99 7.60 -3.71
CA ASN B 212 -38.33 8.89 -3.59
C ASN B 212 -38.19 9.50 -4.98
N HIS B 213 -38.62 10.76 -5.10
CA HIS B 213 -38.44 11.58 -6.31
C HIS B 213 -37.83 12.91 -5.87
N LYS B 214 -36.51 12.93 -5.68
CA LYS B 214 -35.85 14.19 -5.32
C LYS B 214 -36.16 15.34 -6.27
N PRO B 215 -36.25 15.16 -7.59
CA PRO B 215 -36.54 16.32 -8.44
C PRO B 215 -37.76 17.14 -8.03
N SER B 216 -38.82 16.51 -7.55
CA SER B 216 -40.04 17.22 -7.11
C SER B 216 -40.10 17.29 -5.62
N ASN B 217 -39.04 16.89 -4.94
CA ASN B 217 -39.01 16.93 -3.51
C ASN B 217 -40.08 16.05 -2.88
N THR B 218 -40.38 14.91 -3.49
CA THR B 218 -41.49 14.10 -2.99
C THR B 218 -41.01 12.76 -2.49
N LYS B 219 -41.62 12.33 -1.39
CA LYS B 219 -41.49 10.96 -0.91
C LYS B 219 -42.89 10.42 -0.71
N VAL B 220 -43.19 9.29 -1.35
CA VAL B 220 -44.51 8.66 -1.28
C VAL B 220 -44.33 7.24 -0.78
N ASP B 221 -45.05 6.89 0.29
CA ASP B 221 -45.10 5.54 0.81
C ASP B 221 -46.45 4.95 0.44
N LYS B 222 -46.44 3.72 -0.06
CA LYS B 222 -47.68 3.06 -0.46
C LYS B 222 -47.74 1.70 0.20
N LYS B 223 -48.77 1.49 1.02
CA LYS B 223 -48.94 0.16 1.61
C LYS B 223 -49.64 -0.74 0.61
N VAL B 224 -49.10 -1.94 0.41
CA VAL B 224 -49.63 -2.87 -0.58
C VAL B 224 -50.21 -4.08 0.15
N GLU B 225 -51.51 -4.27 0.02
CA GLU B 225 -52.21 -5.34 0.72
C GLU B 225 -52.83 -6.34 -0.25
N PRO B 226 -53.10 -7.57 0.20
CA PRO B 226 -53.87 -8.50 -0.64
C PRO B 226 -55.25 -7.96 -1.00
N LYS B 227 -55.71 -8.38 -2.18
CA LYS B 227 -56.93 -7.85 -2.79
C LYS B 227 -58.19 -8.39 -2.13
N GLN C 1 -15.13 16.57 -33.03
CA GLN C 1 -13.85 15.93 -32.74
C GLN C 1 -13.87 14.44 -33.11
N SER C 2 -12.71 13.79 -33.05
CA SER C 2 -12.59 12.43 -33.56
C SER C 2 -13.35 11.46 -32.65
N VAL C 3 -13.50 10.24 -33.15
CA VAL C 3 -14.08 9.16 -32.35
C VAL C 3 -13.18 7.96 -32.45
N LEU C 4 -13.19 7.14 -31.40
CA LEU C 4 -12.55 5.84 -31.42
C LEU C 4 -13.66 4.81 -31.60
N THR C 5 -13.48 3.92 -32.57
CA THR C 5 -14.52 2.97 -32.99
C THR C 5 -14.38 1.65 -32.24
N GLN C 6 -15.40 1.32 -31.45
CA GLN C 6 -15.51 0.01 -30.82
C GLN C 6 -16.76 -0.69 -31.35
N PRO C 7 -16.77 -2.01 -31.39
CA PRO C 7 -18.01 -2.73 -31.66
C PRO C 7 -19.01 -2.43 -30.56
N PRO C 8 -20.30 -2.34 -30.89
CA PRO C 8 -21.27 -2.00 -29.85
C PRO C 8 -21.45 -3.11 -28.83
N SER C 9 -21.14 -4.35 -29.19
CA SER C 9 -21.35 -5.44 -28.24
C SER C 9 -20.33 -6.53 -28.49
N ALA C 10 -20.14 -7.37 -27.47
CA ALA C 10 -19.34 -8.57 -27.61
C ALA C 10 -19.90 -9.58 -26.62
N SER C 11 -19.54 -10.84 -26.82
CA SER C 11 -19.98 -11.84 -25.84
C SER C 11 -19.06 -13.04 -25.92
N GLY C 12 -19.15 -13.87 -24.88
CA GLY C 12 -18.47 -15.14 -24.83
C GLY C 12 -18.98 -15.92 -23.65
N THR C 13 -18.54 -17.19 -23.57
CA THR C 13 -18.89 -17.99 -22.41
C THR C 13 -17.75 -17.93 -21.41
N PRO C 14 -18.01 -18.29 -20.16
CA PRO C 14 -16.90 -18.47 -19.22
C PRO C 14 -15.88 -19.44 -19.80
N GLY C 15 -14.60 -19.15 -19.53
CA GLY C 15 -13.51 -19.94 -20.05
C GLY C 15 -13.12 -19.63 -21.48
N GLN C 16 -13.77 -18.68 -22.12
CA GLN C 16 -13.44 -18.30 -23.49
C GLN C 16 -12.62 -17.00 -23.47
N ARG C 17 -11.86 -16.79 -24.55
CA ARG C 17 -11.15 -15.53 -24.76
C ARG C 17 -11.99 -14.60 -25.64
N VAL C 18 -12.28 -13.42 -25.12
CA VAL C 18 -12.99 -12.40 -25.90
C VAL C 18 -12.07 -11.22 -26.15
N THR C 19 -12.06 -10.71 -27.37
CA THR C 19 -11.29 -9.51 -27.71
C THR C 19 -12.23 -8.39 -28.16
N ILE C 20 -11.90 -7.15 -27.76
CA ILE C 20 -12.64 -5.94 -28.11
C ILE C 20 -11.71 -5.01 -28.85
N SER C 21 -12.07 -4.63 -30.07
CA SER C 21 -11.17 -3.80 -30.85
C SER C 21 -11.45 -2.31 -30.63
N CYS C 22 -10.45 -1.49 -30.92
CA CYS C 22 -10.56 -0.06 -30.77
C CYS C 22 -9.76 0.56 -31.92
N SER C 23 -10.47 1.20 -32.84
CA SER C 23 -9.87 1.72 -34.05
C SER C 23 -9.83 3.24 -33.99
N GLY C 24 -8.65 3.80 -34.23
CA GLY C 24 -8.44 5.23 -34.22
C GLY C 24 -7.69 5.68 -35.48
N SER C 25 -6.85 6.69 -35.30
CA SER C 25 -6.23 7.41 -36.41
C SER C 25 -4.81 7.78 -36.01
N SER C 26 -4.04 8.30 -36.97
CA SER C 26 -2.63 8.51 -36.67
C SER C 26 -2.41 9.57 -35.59
N SER C 27 -3.36 10.50 -35.41
CA SER C 27 -3.22 11.56 -34.41
C SER C 27 -3.61 11.14 -32.99
N ASN C 28 -4.27 9.99 -32.80
CA ASN C 28 -4.54 9.52 -31.45
C ASN C 28 -3.78 8.22 -31.21
N ILE C 29 -4.38 7.05 -31.47
CA ILE C 29 -3.71 5.79 -31.18
C ILE C 29 -2.39 5.70 -31.94
N GLY C 30 -2.35 6.20 -33.16
CA GLY C 30 -1.11 6.16 -33.92
C GLY C 30 0.04 6.88 -33.25
N SER C 31 -0.25 7.86 -32.40
CA SER C 31 0.76 8.66 -31.73
C SER C 31 0.87 8.43 -30.24
N ASN C 32 -0.18 7.94 -29.57
CA ASN C 32 -0.22 7.96 -28.11
C ASN C 32 -0.59 6.58 -27.56
N THR C 33 -0.51 6.43 -26.25
CA THR C 33 -0.81 5.15 -25.63
C THR C 33 -2.32 5.00 -25.44
N VAL C 34 -2.75 3.76 -25.27
CA VAL C 34 -4.16 3.43 -25.16
C VAL C 34 -4.44 2.97 -23.75
N ASN C 35 -5.55 3.45 -23.19
CA ASN C 35 -5.99 3.03 -21.88
C ASN C 35 -7.43 2.56 -21.98
N TRP C 36 -7.82 1.65 -21.06
CA TRP C 36 -9.12 1.01 -21.10
C TRP C 36 -9.79 1.13 -19.74
N TYR C 37 -11.13 1.24 -19.76
CA TYR C 37 -11.98 1.37 -18.58
C TYR C 37 -13.07 0.31 -18.60
N GLN C 38 -13.40 -0.18 -17.42
CA GLN C 38 -14.52 -1.08 -17.19
C GLN C 38 -15.58 -0.32 -16.39
N GLN C 39 -16.84 -0.43 -16.81
CA GLN C 39 -17.93 0.24 -16.10
C GLN C 39 -19.05 -0.76 -15.85
N LEU C 40 -19.28 -1.09 -14.58
CA LEU C 40 -20.38 -1.95 -14.19
C LEU C 40 -21.64 -1.13 -14.05
N PRO C 41 -22.81 -1.75 -14.20
CA PRO C 41 -24.07 -1.02 -14.12
C PRO C 41 -24.16 -0.14 -12.87
N GLY C 42 -24.46 1.13 -13.07
CA GLY C 42 -24.68 2.04 -11.98
C GLY C 42 -23.47 2.51 -11.22
N THR C 43 -22.25 2.35 -11.76
CA THR C 43 -21.09 2.82 -11.02
C THR C 43 -20.11 3.53 -11.95
N ALA C 44 -19.09 4.12 -11.35
CA ALA C 44 -18.14 4.91 -12.09
C ALA C 44 -17.19 3.99 -12.86
N PRO C 45 -16.66 4.47 -13.98
CA PRO C 45 -15.63 3.70 -14.69
C PRO C 45 -14.45 3.43 -13.79
N LYS C 46 -13.73 2.38 -14.12
CA LYS C 46 -12.54 1.93 -13.42
C LYS C 46 -11.44 1.68 -14.44
N LEU C 47 -10.22 2.15 -14.14
CA LEU C 47 -9.11 1.97 -15.06
C LEU C 47 -8.77 0.47 -15.10
N LEU C 48 -8.71 -0.08 -16.31
CA LEU C 48 -8.43 -1.50 -16.52
C LEU C 48 -7.04 -1.72 -17.09
N ILE C 49 -6.65 -0.88 -18.06
CA ILE C 49 -5.38 -1.04 -18.78
C ILE C 49 -4.87 0.37 -19.06
N TYR C 50 -3.57 0.58 -18.94
CA TYR C 50 -2.99 1.85 -19.37
C TYR C 50 -1.62 1.59 -20.00
N SER C 51 -1.10 2.57 -20.72
CA SER C 51 0.20 2.43 -21.41
C SER C 51 0.22 1.18 -22.28
N ASN C 52 -0.87 0.99 -23.01
CA ASN C 52 -1.09 -0.08 -23.97
C ASN C 52 -1.36 -1.44 -23.33
N ASN C 53 -0.57 -1.86 -22.35
CA ASN C 53 -0.77 -3.21 -21.82
C ASN C 53 -0.46 -3.34 -20.33
N GLN C 54 -0.35 -2.24 -19.59
CA GLN C 54 -0.10 -2.32 -18.17
C GLN C 54 -1.41 -2.43 -17.40
N ARG C 55 -1.40 -3.25 -16.33
CA ARG C 55 -2.56 -3.42 -15.47
C ARG C 55 -2.34 -2.64 -14.19
N PRO C 56 -3.30 -1.80 -13.78
CA PRO C 56 -3.28 -1.28 -12.41
C PRO C 56 -3.29 -2.43 -11.41
N SER C 57 -2.77 -2.15 -10.23
CA SER C 57 -2.88 -3.10 -9.11
C SER C 57 -4.34 -3.44 -8.86
N GLY C 58 -4.60 -4.71 -8.59
CA GLY C 58 -5.95 -5.15 -8.34
C GLY C 58 -6.72 -5.58 -9.57
N VAL C 59 -6.22 -5.33 -10.77
CA VAL C 59 -6.86 -5.79 -12.00
C VAL C 59 -6.34 -7.19 -12.30
N PRO C 60 -7.21 -8.19 -12.45
CA PRO C 60 -6.72 -9.57 -12.62
C PRO C 60 -5.99 -9.79 -13.94
N ASP C 61 -5.09 -10.78 -13.94
CA ASP C 61 -4.18 -11.00 -15.05
C ASP C 61 -4.86 -11.48 -16.32
N ARG C 62 -6.13 -11.90 -16.24
CA ARG C 62 -6.87 -12.29 -17.43
C ARG C 62 -7.20 -11.11 -18.35
N PHE C 63 -7.03 -9.86 -17.89
CA PHE C 63 -7.19 -8.68 -18.75
C PHE C 63 -5.87 -8.27 -19.35
N SER C 64 -5.85 -8.09 -20.66
CA SER C 64 -4.63 -7.75 -21.35
C SER C 64 -4.95 -6.74 -22.44
N GLY C 65 -3.97 -5.91 -22.78
CA GLY C 65 -4.16 -4.92 -23.83
C GLY C 65 -3.06 -5.01 -24.85
N SER C 66 -3.38 -4.59 -26.07
CA SER C 66 -2.39 -4.53 -27.14
C SER C 66 -2.65 -3.31 -28.00
N LYS C 67 -1.62 -2.89 -28.73
CA LYS C 67 -1.78 -1.83 -29.73
C LYS C 67 -0.92 -2.17 -30.94
N SER C 68 -1.43 -1.90 -32.14
CA SER C 68 -0.58 -1.91 -33.33
C SER C 68 -1.08 -0.85 -34.31
N GLY C 69 -0.15 -0.01 -34.74
CA GLY C 69 -0.47 1.09 -35.64
C GLY C 69 -1.48 2.03 -35.03
N THR C 70 -2.65 2.13 -35.67
CA THR C 70 -3.69 3.04 -35.24
C THR C 70 -4.85 2.30 -34.58
N SER C 71 -4.66 1.04 -34.19
CA SER C 71 -5.72 0.32 -33.52
C SER C 71 -5.17 -0.38 -32.29
N ALA C 72 -6.10 -0.83 -31.44
CA ALA C 72 -5.75 -1.45 -30.17
C ALA C 72 -6.81 -2.47 -29.86
N SER C 73 -6.55 -3.28 -28.85
CA SER C 73 -7.46 -4.37 -28.53
C SER C 73 -7.34 -4.68 -27.06
N LEU C 74 -8.48 -5.04 -26.46
CA LEU C 74 -8.57 -5.51 -25.09
C LEU C 74 -8.93 -6.98 -25.15
N ALA C 75 -8.20 -7.82 -24.42
CA ALA C 75 -8.51 -9.24 -24.36
C ALA C 75 -8.87 -9.61 -22.94
N ILE C 76 -9.91 -10.43 -22.81
CA ILE C 76 -10.27 -11.04 -21.54
C ILE C 76 -10.15 -12.55 -21.75
N SER C 77 -9.15 -13.17 -21.12
CA SER C 77 -8.79 -14.57 -21.38
C SER C 77 -9.31 -15.43 -20.24
N GLY C 78 -10.48 -16.01 -20.43
CA GLY C 78 -11.11 -16.75 -19.35
C GLY C 78 -12.20 -15.92 -18.71
N LEU C 79 -13.25 -15.63 -19.47
CA LEU C 79 -14.36 -14.80 -19.01
C LEU C 79 -14.93 -15.32 -17.69
N GLN C 80 -15.18 -14.41 -16.78
CA GLN C 80 -15.99 -14.70 -15.60
C GLN C 80 -17.28 -13.89 -15.67
N SER C 81 -18.29 -14.37 -14.96
CA SER C 81 -19.60 -13.72 -15.05
C SER C 81 -19.54 -12.27 -14.57
N GLU C 82 -18.70 -11.97 -13.58
CA GLU C 82 -18.57 -10.59 -13.12
C GLU C 82 -17.91 -9.67 -14.16
N ASP C 83 -17.49 -10.18 -15.31
CA ASP C 83 -16.91 -9.34 -16.35
C ASP C 83 -17.96 -8.71 -17.24
N GLU C 84 -19.22 -9.12 -17.08
CA GLU C 84 -20.32 -8.48 -17.78
C GLU C 84 -20.32 -6.99 -17.45
N ALA C 85 -20.11 -6.16 -18.46
CA ALA C 85 -19.94 -4.74 -18.18
C ALA C 85 -19.76 -3.98 -19.47
N ASP C 86 -19.67 -2.64 -19.37
CA ASP C 86 -19.32 -1.80 -20.51
C ASP C 86 -17.83 -1.52 -20.49
N TYR C 87 -17.20 -1.53 -21.66
CA TYR C 87 -15.77 -1.34 -21.77
C TYR C 87 -15.47 -0.20 -22.71
N TYR C 88 -14.57 0.69 -22.30
CA TYR C 88 -14.17 1.82 -23.14
C TYR C 88 -12.67 1.86 -23.31
N CYS C 89 -12.23 2.13 -24.51
CA CYS C 89 -10.85 2.51 -24.77
C CYS C 89 -10.77 4.04 -24.82
N ALA C 90 -9.57 4.55 -24.68
CA ALA C 90 -9.35 6.00 -24.70
C ALA C 90 -7.92 6.26 -25.08
N ALA C 91 -7.69 7.44 -25.67
CA ALA C 91 -6.35 7.86 -26.05
C ALA C 91 -6.33 9.37 -26.24
N TRP C 92 -5.18 9.95 -25.99
CA TRP C 92 -4.96 11.35 -26.36
C TRP C 92 -4.95 11.49 -27.88
N ASP C 93 -5.55 12.58 -28.35
CA ASP C 93 -5.54 12.99 -29.74
C ASP C 93 -4.78 14.31 -29.82
N ASP C 94 -3.73 14.32 -30.65
CA ASP C 94 -2.87 15.49 -30.77
C ASP C 94 -3.50 16.61 -31.58
N SER C 95 -4.66 16.38 -32.19
CA SER C 95 -5.27 17.37 -33.08
C SER C 95 -5.65 18.63 -32.32
N LEU C 96 -5.49 19.78 -32.99
CA LEU C 96 -5.88 21.07 -32.42
C LEU C 96 -5.25 21.31 -31.04
N ASN C 97 -6.09 21.55 -30.02
CA ASN C 97 -5.66 21.73 -28.64
C ASN C 97 -5.06 20.49 -28.03
N GLY C 98 -5.28 19.33 -28.60
CA GLY C 98 -5.05 18.10 -27.88
C GLY C 98 -6.24 17.79 -26.96
N TYR C 99 -6.70 16.54 -26.96
CA TYR C 99 -7.85 16.19 -26.15
C TYR C 99 -7.91 14.68 -25.93
N VAL C 100 -8.57 14.26 -24.86
CA VAL C 100 -8.83 12.83 -24.65
C VAL C 100 -10.01 12.41 -25.52
N VAL C 101 -9.85 11.37 -26.33
CA VAL C 101 -10.94 10.76 -27.07
C VAL C 101 -11.28 9.41 -26.42
N PHE C 102 -12.55 9.18 -26.13
CA PHE C 102 -13.05 7.90 -25.67
C PHE C 102 -13.68 7.13 -26.82
N GLY C 103 -13.56 5.79 -26.78
CA GLY C 103 -14.37 4.96 -27.64
C GLY C 103 -15.85 5.09 -27.34
N GLY C 104 -16.65 4.65 -28.30
CA GLY C 104 -18.10 4.62 -28.07
C GLY C 104 -18.54 3.60 -27.04
N GLY C 105 -17.66 2.70 -26.63
CA GLY C 105 -18.00 1.71 -25.61
C GLY C 105 -18.53 0.42 -26.21
N THR C 106 -18.28 -0.68 -25.49
CA THR C 106 -18.71 -2.01 -25.88
C THR C 106 -19.42 -2.65 -24.70
N LYS C 107 -20.65 -3.10 -24.91
CA LYS C 107 -21.34 -3.91 -23.92
C LYS C 107 -20.94 -5.39 -24.05
N LEU C 108 -20.31 -5.93 -23.03
CA LEU C 108 -19.94 -7.35 -22.99
C LEU C 108 -20.95 -8.10 -22.13
N THR C 109 -21.52 -9.17 -22.70
CA THR C 109 -22.35 -10.10 -21.94
C THR C 109 -21.63 -11.43 -21.79
N VAL C 110 -21.75 -12.00 -20.61
CA VAL C 110 -21.13 -13.27 -20.27
C VAL C 110 -22.26 -14.29 -20.24
N LEU C 111 -22.23 -15.24 -21.19
CA LEU C 111 -23.26 -16.27 -21.31
C LEU C 111 -22.83 -17.47 -20.48
N GLY C 112 -23.10 -17.39 -19.18
CA GLY C 112 -22.65 -18.41 -18.26
C GLY C 112 -23.80 -19.11 -17.57
N GLN C 113 -24.94 -19.20 -18.25
CA GLN C 113 -26.15 -19.81 -17.70
C GLN C 113 -26.84 -20.53 -18.85
N PRO C 114 -27.54 -21.62 -18.55
CA PRO C 114 -28.35 -22.29 -19.57
C PRO C 114 -29.65 -21.53 -19.82
N LYS C 115 -30.31 -21.87 -20.93
CA LYS C 115 -31.57 -21.22 -21.23
C LYS C 115 -32.58 -21.46 -20.10
N ALA C 116 -33.31 -20.41 -19.74
CA ALA C 116 -34.39 -20.50 -18.75
C ALA C 116 -35.61 -19.77 -19.29
N ALA C 117 -36.76 -20.44 -19.22
CA ALA C 117 -38.00 -19.85 -19.66
C ALA C 117 -38.47 -18.80 -18.64
N PRO C 118 -39.12 -17.75 -19.12
CA PRO C 118 -39.55 -16.66 -18.23
C PRO C 118 -40.78 -17.02 -17.41
N SER C 119 -40.76 -16.59 -16.15
CA SER C 119 -41.96 -16.58 -15.32
C SER C 119 -42.71 -15.26 -15.53
N VAL C 120 -44.01 -15.34 -15.80
CA VAL C 120 -44.81 -14.19 -16.18
C VAL C 120 -45.85 -13.92 -15.10
N THR C 121 -45.96 -12.65 -14.68
CA THR C 121 -46.95 -12.22 -13.70
C THR C 121 -47.68 -11.02 -14.24
N LEU C 122 -48.99 -11.12 -14.40
CA LEU C 122 -49.79 -10.06 -14.98
C LEU C 122 -50.69 -9.45 -13.91
N PHE C 123 -50.57 -8.14 -13.69
CA PHE C 123 -51.36 -7.42 -12.70
C PHE C 123 -52.42 -6.59 -13.39
N PRO C 124 -53.69 -6.76 -13.01
CA PRO C 124 -54.76 -5.91 -13.51
C PRO C 124 -54.66 -4.52 -12.92
N PRO C 125 -55.41 -3.55 -13.45
CA PRO C 125 -55.44 -2.22 -12.84
C PRO C 125 -55.87 -2.31 -11.38
N SER C 126 -55.15 -1.60 -10.53
CA SER C 126 -55.51 -1.57 -9.12
C SER C 126 -56.81 -0.80 -8.93
N SER C 127 -57.50 -1.11 -7.83
CA SER C 127 -58.73 -0.39 -7.50
C SER C 127 -58.47 1.10 -7.39
N GLU C 128 -57.35 1.48 -6.75
CA GLU C 128 -57.05 2.90 -6.59
C GLU C 128 -56.88 3.59 -7.95
N GLU C 129 -56.25 2.90 -8.91
CA GLU C 129 -56.01 3.52 -10.21
C GLU C 129 -57.34 3.70 -10.94
N LEU C 130 -58.18 2.67 -10.95
CA LEU C 130 -59.54 2.80 -11.51
C LEU C 130 -60.31 3.92 -10.81
N GLN C 131 -60.15 4.05 -9.48
CA GLN C 131 -60.68 5.17 -8.72
C GLN C 131 -59.86 6.44 -8.92
N ALA C 132 -58.97 6.49 -9.92
CA ALA C 132 -58.46 7.77 -10.42
C ALA C 132 -58.79 7.94 -11.90
N ASN C 133 -59.74 7.16 -12.43
CA ASN C 133 -60.16 7.21 -13.83
C ASN C 133 -59.01 6.88 -14.80
N LYS C 134 -58.22 5.86 -14.46
CA LYS C 134 -57.10 5.45 -15.27
C LYS C 134 -56.99 3.93 -15.17
N ALA C 135 -56.21 3.32 -16.07
CA ALA C 135 -56.01 1.88 -15.90
C ALA C 135 -54.73 1.46 -16.60
N THR C 136 -53.94 0.63 -15.91
CA THR C 136 -52.71 0.11 -16.49
C THR C 136 -52.62 -1.36 -16.17
N LEU C 137 -52.40 -2.18 -17.19
CA LEU C 137 -52.01 -3.57 -17.01
C LEU C 137 -50.50 -3.64 -16.93
N VAL C 138 -49.99 -4.44 -16.01
CA VAL C 138 -48.56 -4.49 -15.72
C VAL C 138 -48.09 -5.94 -15.86
N CYS C 139 -47.23 -6.20 -16.83
CA CYS C 139 -46.76 -7.55 -17.11
C CYS C 139 -45.30 -7.64 -16.70
N LEU C 140 -45.02 -8.43 -15.70
CA LEU C 140 -43.68 -8.53 -15.14
C LEU C 140 -43.11 -9.89 -15.53
N ILE C 141 -41.91 -9.86 -16.09
CA ILE C 141 -41.29 -11.02 -16.71
C ILE C 141 -39.97 -11.22 -16.00
N SER C 142 -39.79 -12.39 -15.40
CA SER C 142 -38.63 -12.60 -14.55
C SER C 142 -38.00 -13.95 -14.81
N ASP C 143 -36.73 -14.05 -14.44
CA ASP C 143 -36.01 -15.31 -14.29
C ASP C 143 -35.77 -16.00 -15.63
N PHE C 144 -35.53 -15.24 -16.68
CA PHE C 144 -35.26 -15.89 -17.96
C PHE C 144 -33.81 -15.68 -18.39
N TYR C 145 -33.39 -16.50 -19.37
CA TYR C 145 -32.02 -16.45 -19.90
C TYR C 145 -31.98 -17.15 -21.26
N PRO C 146 -31.39 -16.51 -22.29
CA PRO C 146 -30.70 -15.23 -22.30
C PRO C 146 -31.68 -14.05 -22.28
N GLY C 147 -31.20 -12.82 -22.48
CA GLY C 147 -32.01 -11.65 -22.17
C GLY C 147 -32.74 -11.01 -23.32
N ALA C 148 -33.44 -11.81 -24.11
CA ALA C 148 -34.18 -11.32 -25.28
C ALA C 148 -35.55 -11.97 -25.27
N VAL C 149 -36.59 -11.15 -25.28
CA VAL C 149 -37.96 -11.63 -25.37
C VAL C 149 -38.69 -10.68 -26.30
N THR C 150 -39.81 -11.16 -26.80
CA THR C 150 -40.81 -10.29 -27.39
C THR C 150 -42.10 -10.45 -26.59
N VAL C 151 -42.90 -9.39 -26.53
CA VAL C 151 -44.09 -9.37 -25.71
C VAL C 151 -45.27 -8.99 -26.59
N ALA C 152 -46.32 -9.80 -26.55
CA ALA C 152 -47.54 -9.52 -27.28
C ALA C 152 -48.68 -9.37 -26.28
N TRP C 153 -49.45 -8.30 -26.43
CA TRP C 153 -50.67 -8.11 -25.68
C TRP C 153 -51.86 -8.49 -26.54
N LYS C 154 -52.81 -9.20 -25.94
CA LYS C 154 -54.02 -9.62 -26.64
C LYS C 154 -55.26 -9.20 -25.85
N ALA C 155 -56.20 -8.56 -26.52
CA ALA C 155 -57.52 -8.26 -25.97
C ALA C 155 -58.47 -9.35 -26.45
N ASP C 156 -58.95 -10.17 -25.52
CA ASP C 156 -59.70 -11.39 -25.83
C ASP C 156 -58.80 -12.24 -26.72
N SER C 157 -59.20 -12.58 -27.94
CA SER C 157 -58.29 -13.21 -28.89
C SER C 157 -57.64 -12.21 -29.85
N SER C 158 -58.11 -10.94 -29.86
CA SER C 158 -57.63 -9.94 -30.80
C SER C 158 -56.31 -9.34 -30.34
N PRO C 159 -55.28 -9.31 -31.20
CA PRO C 159 -54.08 -8.53 -30.88
C PRO C 159 -54.42 -7.12 -30.43
N VAL C 160 -53.58 -6.57 -29.55
CA VAL C 160 -53.68 -5.19 -29.07
C VAL C 160 -52.47 -4.44 -29.58
N LYS C 161 -52.70 -3.24 -30.12
CA LYS C 161 -51.61 -2.48 -30.73
C LYS C 161 -51.19 -1.27 -29.93
N ALA C 162 -52.13 -0.41 -29.56
CA ALA C 162 -51.80 0.88 -28.99
C ALA C 162 -51.56 0.78 -27.48
N GLY C 163 -50.85 1.77 -26.96
CA GLY C 163 -50.63 1.91 -25.53
C GLY C 163 -49.77 0.84 -24.89
N VAL C 164 -48.81 0.26 -25.61
CA VAL C 164 -47.91 -0.72 -25.03
C VAL C 164 -46.53 -0.09 -24.89
N GLU C 165 -45.87 -0.34 -23.76
CA GLU C 165 -44.52 0.12 -23.53
C GLU C 165 -43.75 -0.99 -22.83
N THR C 166 -42.57 -1.32 -23.31
CA THR C 166 -41.84 -2.47 -22.80
C THR C 166 -40.40 -2.09 -22.53
N THR C 167 -39.84 -2.58 -21.44
CA THR C 167 -38.46 -2.25 -21.09
C THR C 167 -37.52 -3.29 -21.68
N THR C 168 -36.30 -2.83 -21.97
CA THR C 168 -35.24 -3.74 -22.38
C THR C 168 -34.83 -4.59 -21.19
N PRO C 169 -34.72 -5.91 -21.33
CA PRO C 169 -34.36 -6.75 -20.18
C PRO C 169 -33.01 -6.36 -19.58
N SER C 170 -32.90 -6.56 -18.27
CA SER C 170 -31.68 -6.28 -17.51
C SER C 170 -31.61 -7.25 -16.33
N LYS C 171 -30.43 -7.30 -15.71
CA LYS C 171 -30.12 -8.34 -14.74
C LYS C 171 -30.86 -8.11 -13.41
N GLN C 172 -31.48 -9.18 -12.90
CA GLN C 172 -31.90 -9.26 -11.51
C GLN C 172 -30.70 -9.53 -10.61
N SER C 173 -30.94 -9.42 -9.30
CA SER C 173 -29.91 -9.71 -8.30
C SER C 173 -29.30 -11.08 -8.47
N ASN C 174 -30.10 -12.06 -8.89
CA ASN C 174 -29.65 -13.44 -9.06
C ASN C 174 -29.05 -13.73 -10.43
N ASN C 175 -28.66 -12.70 -11.18
CA ASN C 175 -28.02 -12.79 -12.48
C ASN C 175 -28.89 -13.39 -13.57
N LYS C 176 -30.19 -13.55 -13.33
CA LYS C 176 -31.12 -13.79 -14.42
C LYS C 176 -31.69 -12.46 -14.88
N TYR C 177 -32.43 -12.50 -16.00
CA TYR C 177 -33.01 -11.29 -16.57
C TYR C 177 -34.44 -11.11 -16.12
N ALA C 178 -34.85 -9.85 -16.07
CA ALA C 178 -36.24 -9.46 -15.94
C ALA C 178 -36.51 -8.35 -16.96
N ALA C 179 -37.79 -8.20 -17.29
CA ALA C 179 -38.30 -7.16 -18.18
C ALA C 179 -39.73 -6.87 -17.74
N SER C 180 -40.26 -5.76 -18.23
CA SER C 180 -41.59 -5.32 -17.87
C SER C 180 -42.27 -4.74 -19.10
N SER C 181 -43.59 -4.90 -19.14
CA SER C 181 -44.40 -4.33 -20.19
C SER C 181 -45.65 -3.74 -19.56
N TYR C 182 -46.17 -2.70 -20.19
CA TYR C 182 -47.30 -1.94 -19.70
C TYR C 182 -48.29 -1.81 -20.84
N LEU C 183 -49.56 -2.03 -20.54
CA LEU C 183 -50.66 -1.69 -21.44
C LEU C 183 -51.54 -0.67 -20.73
N SER C 184 -51.52 0.57 -21.22
CA SER C 184 -52.35 1.62 -20.64
C SER C 184 -53.71 1.63 -21.34
N LEU C 185 -54.76 1.90 -20.58
CA LEU C 185 -56.08 2.02 -21.17
C LEU C 185 -57.00 2.78 -20.22
N THR C 186 -58.19 3.08 -20.73
CA THR C 186 -59.27 3.72 -20.01
C THR C 186 -60.06 2.67 -19.25
N PRO C 187 -60.70 3.06 -18.14
CA PRO C 187 -61.49 2.08 -17.37
C PRO C 187 -62.62 1.46 -18.17
N GLU C 188 -63.21 2.20 -19.12
CA GLU C 188 -64.29 1.63 -19.93
C GLU C 188 -63.80 0.43 -20.74
N GLN C 189 -62.63 0.54 -21.36
CA GLN C 189 -62.08 -0.60 -22.10
C GLN C 189 -61.82 -1.78 -21.18
N TRP C 190 -61.22 -1.51 -20.02
CA TRP C 190 -60.93 -2.59 -19.07
C TRP C 190 -62.21 -3.32 -18.68
N LYS C 191 -63.29 -2.58 -18.40
CA LYS C 191 -64.54 -3.22 -18.03
C LYS C 191 -65.23 -3.91 -19.21
N SER C 192 -64.88 -3.53 -20.45
CA SER C 192 -65.55 -4.07 -21.62
C SER C 192 -64.62 -4.92 -22.47
N HIS C 193 -64.15 -6.04 -21.90
CA HIS C 193 -63.41 -7.06 -22.61
C HIS C 193 -63.41 -8.31 -21.73
N ARG C 194 -63.66 -9.48 -22.31
CA ARG C 194 -63.71 -10.69 -21.48
C ARG C 194 -62.38 -10.93 -20.77
N SER C 195 -61.27 -10.66 -21.42
CA SER C 195 -59.98 -10.86 -20.79
C SER C 195 -58.93 -10.02 -21.49
N TYR C 196 -57.76 -9.95 -20.88
CA TYR C 196 -56.56 -9.42 -21.49
C TYR C 196 -55.43 -10.40 -21.19
N SER C 197 -54.45 -10.43 -22.08
CA SER C 197 -53.41 -11.44 -21.95
C SER C 197 -52.07 -10.85 -22.33
N CYS C 198 -51.04 -11.25 -21.61
CA CYS C 198 -49.66 -10.89 -21.88
C CYS C 198 -48.95 -12.19 -22.22
N GLN C 199 -48.39 -12.29 -23.43
CA GLN C 199 -47.70 -13.49 -23.84
C GLN C 199 -46.27 -13.15 -24.20
N VAL C 200 -45.32 -13.83 -23.57
CA VAL C 200 -43.90 -13.55 -23.64
C VAL C 200 -43.24 -14.68 -24.41
N THR C 201 -42.59 -14.34 -25.51
CA THR C 201 -41.83 -15.28 -26.31
C THR C 201 -40.37 -15.17 -25.98
N HIS C 202 -39.79 -16.29 -25.53
CA HIS C 202 -38.38 -16.38 -25.20
C HIS C 202 -37.79 -17.61 -25.88
N GLU C 203 -36.97 -17.38 -26.90
CA GLU C 203 -36.27 -18.44 -27.62
C GLU C 203 -37.26 -19.41 -28.29
N GLY C 204 -38.29 -18.83 -28.92
CA GLY C 204 -39.25 -19.58 -29.71
C GLY C 204 -40.42 -20.19 -28.96
N SER C 205 -40.47 -20.06 -27.63
CA SER C 205 -41.53 -20.63 -26.80
C SER C 205 -42.22 -19.53 -26.00
N THR C 206 -43.54 -19.62 -25.89
CA THR C 206 -44.37 -18.54 -25.35
C THR C 206 -45.04 -18.92 -24.03
N VAL C 207 -44.83 -18.08 -23.02
CA VAL C 207 -45.51 -18.16 -21.73
C VAL C 207 -46.59 -17.08 -21.67
N GLU C 208 -47.80 -17.45 -21.28
CA GLU C 208 -48.96 -16.56 -21.34
C GLU C 208 -49.59 -16.39 -19.96
N LYS C 209 -50.08 -15.19 -19.67
CA LYS C 209 -50.89 -14.90 -18.50
C LYS C 209 -52.11 -14.09 -18.92
N THR C 210 -53.19 -14.21 -18.16
CA THR C 210 -54.46 -13.61 -18.51
C THR C 210 -55.15 -13.08 -17.25
N VAL C 211 -55.77 -11.91 -17.37
CA VAL C 211 -56.52 -11.27 -16.29
C VAL C 211 -57.80 -10.68 -16.87
N ALA C 212 -58.79 -10.51 -16.02
CA ALA C 212 -60.09 -10.00 -16.40
C ALA C 212 -60.61 -9.10 -15.29
N PRO C 213 -61.51 -8.17 -15.61
CA PRO C 213 -62.13 -7.35 -14.55
C PRO C 213 -63.02 -8.14 -13.61
N THR C 214 -63.19 -9.44 -13.84
CA THR C 214 -63.93 -10.31 -12.94
C THR C 214 -63.26 -10.39 -11.56
N ASN D 2 6.98 31.03 4.13
CA ASN D 2 5.96 30.00 4.29
C ASN D 2 5.21 30.24 5.60
N LEU D 3 3.89 30.23 5.55
CA LEU D 3 3.08 30.54 6.73
C LEU D 3 2.75 29.29 7.54
N CYS D 4 2.88 29.40 8.86
CA CYS D 4 2.66 28.24 9.70
C CYS D 4 1.23 27.72 9.54
N PRO D 5 1.04 26.40 9.50
CA PRO D 5 -0.30 25.84 9.27
C PRO D 5 -1.10 25.76 10.57
N PHE D 6 -1.44 26.92 11.13
CA PHE D 6 -2.26 26.88 12.32
C PHE D 6 -3.72 26.56 12.00
N GLY D 7 -4.16 26.82 10.77
CA GLY D 7 -5.53 26.47 10.39
C GLY D 7 -5.75 24.97 10.34
N GLU D 8 -4.74 24.22 9.94
CA GLU D 8 -4.84 22.76 9.96
C GLU D 8 -5.07 22.26 11.39
N VAL D 9 -4.53 22.95 12.40
CA VAL D 9 -4.70 22.50 13.78
C VAL D 9 -6.04 22.98 14.33
N PHE D 10 -6.23 24.30 14.35
CA PHE D 10 -7.37 24.91 15.06
C PHE D 10 -8.66 24.58 14.36
N ASN D 11 -8.67 24.62 13.05
CA ASN D 11 -9.89 24.25 12.37
C ASN D 11 -10.06 22.74 12.51
N ALA D 12 -9.70 21.96 11.51
CA ALA D 12 -9.71 20.50 11.64
C ALA D 12 -11.10 19.95 11.92
N THR D 13 -11.61 19.14 10.99
CA THR D 13 -12.95 18.60 11.14
C THR D 13 -13.07 17.78 12.42
N ARG D 14 -12.15 16.84 12.62
CA ARG D 14 -12.14 15.93 13.76
C ARG D 14 -11.00 16.25 14.72
N PHE D 15 -11.25 16.07 16.03
CA PHE D 15 -10.26 16.20 17.08
C PHE D 15 -10.06 14.85 17.78
N ALA D 16 -8.88 14.67 18.38
CA ALA D 16 -8.53 13.42 19.07
C ALA D 16 -9.24 13.33 20.43
N SER D 17 -9.44 12.09 20.91
CA SER D 17 -9.70 11.91 22.33
C SER D 17 -8.49 12.33 23.15
N VAL D 18 -8.76 12.86 24.35
CA VAL D 18 -7.68 13.36 25.19
C VAL D 18 -6.69 12.25 25.58
N TYR D 19 -7.15 11.01 25.84
CA TYR D 19 -6.21 9.95 26.24
C TYR D 19 -5.22 9.63 25.11
N ALA D 20 -5.65 9.81 23.86
CA ALA D 20 -4.85 9.59 22.66
C ALA D 20 -4.63 10.92 21.96
N TRP D 21 -4.19 11.92 22.74
CA TRP D 21 -4.14 13.28 22.24
C TRP D 21 -3.21 13.40 21.03
N ASN D 22 -3.58 14.29 20.12
CA ASN D 22 -2.85 14.43 18.86
C ASN D 22 -1.74 15.46 19.00
N ARG D 23 -0.62 15.25 18.28
CA ARG D 23 0.48 16.20 18.29
C ARG D 23 0.88 16.55 16.86
N LYS D 24 1.14 17.83 16.62
CA LYS D 24 1.75 18.27 15.37
C LYS D 24 2.95 19.18 15.67
N ARG D 25 4.09 18.95 15.04
CA ARG D 25 5.20 19.88 15.20
C ARG D 25 5.17 20.88 14.04
N ILE D 26 5.22 22.16 14.36
CA ILE D 26 5.26 23.25 13.39
C ILE D 26 6.71 23.71 13.27
N SER D 27 7.20 23.77 12.03
CA SER D 27 8.61 24.06 11.79
C SER D 27 8.77 24.87 10.52
N ASN D 28 9.83 25.68 10.48
CA ASN D 28 10.28 26.34 9.26
C ASN D 28 9.18 27.17 8.62
N CYS D 29 8.70 28.16 9.36
CA CYS D 29 7.57 28.96 8.90
C CYS D 29 7.47 30.23 9.71
N VAL D 30 6.69 31.16 9.15
CA VAL D 30 6.35 32.43 9.79
C VAL D 30 4.95 32.30 10.38
N ALA D 31 4.81 32.71 11.65
CA ALA D 31 3.58 32.55 12.40
C ALA D 31 3.05 33.91 12.78
N ASP D 32 1.88 34.28 12.26
CA ASP D 32 1.16 35.45 12.73
C ASP D 32 0.22 35.02 13.85
N TYR D 33 0.64 35.21 15.10
CA TYR D 33 -0.21 34.80 16.22
C TYR D 33 -1.37 35.76 16.46
N SER D 34 -1.41 36.89 15.76
CA SER D 34 -2.50 37.83 15.93
C SER D 34 -3.84 37.23 15.53
N VAL D 35 -3.87 36.33 14.55
CA VAL D 35 -5.12 35.67 14.19
C VAL D 35 -5.66 34.87 15.37
N LEU D 36 -4.77 34.38 16.24
CA LEU D 36 -5.22 33.62 17.41
C LEU D 36 -5.63 34.52 18.55
N TYR D 37 -4.70 35.33 19.08
CA TYR D 37 -5.00 36.04 20.31
C TYR D 37 -6.00 37.18 20.12
N ASN D 38 -6.17 37.69 18.90
CA ASN D 38 -7.19 38.68 18.59
C ASN D 38 -8.55 38.04 18.28
N SER D 39 -8.69 36.74 18.47
CA SER D 39 -9.94 36.06 18.16
C SER D 39 -10.84 36.02 19.39
N ALA D 40 -12.04 36.60 19.27
CA ALA D 40 -13.06 36.45 20.29
C ALA D 40 -13.71 35.07 20.28
N SER D 41 -13.28 34.19 19.36
CA SER D 41 -13.87 32.87 19.23
C SER D 41 -13.44 31.91 20.35
N PHE D 42 -12.36 32.23 21.07
CA PHE D 42 -11.82 31.35 22.09
C PHE D 42 -12.40 31.69 23.46
N SER D 43 -12.69 30.65 24.25
CA SER D 43 -13.12 30.87 25.62
C SER D 43 -11.97 30.77 26.62
N THR D 44 -10.83 30.22 26.23
CA THR D 44 -9.67 30.18 27.12
C THR D 44 -8.47 30.50 26.26
N PHE D 45 -7.62 31.41 26.75
CA PHE D 45 -6.36 31.74 26.06
C PHE D 45 -5.38 32.16 27.15
N LYS D 46 -4.66 31.18 27.70
CA LYS D 46 -3.76 31.43 28.82
C LYS D 46 -2.34 31.06 28.42
N CYS D 47 -1.41 31.94 28.69
CA CYS D 47 -0.02 31.70 28.33
C CYS D 47 0.82 31.63 29.60
N TYR D 48 1.91 30.86 29.52
CA TYR D 48 2.81 30.58 30.62
C TYR D 48 4.24 30.71 30.11
N GLY D 49 5.08 31.36 30.92
CA GLY D 49 6.47 31.55 30.56
C GLY D 49 6.72 32.42 29.35
N VAL D 50 5.69 33.12 28.85
CA VAL D 50 5.84 33.95 27.65
C VAL D 50 4.63 34.88 27.61
N SER D 51 4.85 36.11 27.14
CA SER D 51 3.75 37.05 26.95
C SER D 51 3.14 36.87 25.56
N PRO D 52 1.82 36.73 25.47
CA PRO D 52 1.21 36.57 24.13
C PRO D 52 1.54 37.70 23.18
N THR D 53 1.49 38.96 23.65
CA THR D 53 1.78 40.09 22.78
C THR D 53 3.22 40.10 22.28
N LYS D 54 4.12 39.36 22.92
CA LYS D 54 5.50 39.23 22.48
C LYS D 54 5.71 38.14 21.41
N LEU D 55 4.72 37.29 21.18
CA LEU D 55 4.90 36.12 20.32
C LEU D 55 5.34 36.51 18.92
N ASN D 56 4.84 37.64 18.41
CA ASN D 56 5.16 38.06 17.04
C ASN D 56 6.59 38.58 16.90
N ASP D 57 7.32 38.75 18.01
CA ASP D 57 8.72 39.19 17.97
C ASP D 57 9.68 38.10 18.43
N LEU D 58 9.21 36.86 18.57
CA LEU D 58 10.03 35.78 19.09
C LEU D 58 10.23 34.70 18.03
N CYS D 59 11.42 34.09 18.05
CA CYS D 59 11.72 32.94 17.21
C CYS D 59 11.93 31.69 18.06
N PHE D 60 11.48 30.55 17.55
CA PHE D 60 11.64 29.30 18.28
C PHE D 60 12.22 28.22 17.38
N THR D 61 12.81 27.19 18.02
CA THR D 61 13.31 26.07 17.23
C THR D 61 12.14 25.33 16.58
N ASN D 62 11.09 25.08 17.35
CA ASN D 62 9.87 24.44 16.85
C ASN D 62 8.70 24.93 17.71
N VAL D 63 7.50 24.74 17.20
CA VAL D 63 6.30 24.92 18.01
C VAL D 63 5.53 23.61 17.94
N TYR D 64 4.98 23.16 19.06
CA TYR D 64 4.16 21.96 19.09
C TYR D 64 2.71 22.34 19.33
N ALA D 65 1.80 21.66 18.63
CA ALA D 65 0.36 21.87 18.81
C ALA D 65 -0.23 20.52 19.20
N ASP D 66 -0.58 20.37 20.48
CA ASP D 66 -1.28 19.20 20.97
C ASP D 66 -2.77 19.52 21.06
N SER D 67 -3.61 18.65 20.55
CA SER D 67 -5.03 19.01 20.52
C SER D 67 -5.88 17.80 20.86
N PHE D 68 -7.07 18.08 21.39
CA PHE D 68 -7.93 17.03 21.95
C PHE D 68 -9.22 17.69 22.44
N VAL D 69 -10.18 16.86 22.86
CA VAL D 69 -11.45 17.32 23.43
C VAL D 69 -11.56 16.84 24.86
N ILE D 70 -11.98 17.74 25.76
CA ILE D 70 -12.32 17.38 27.12
C ILE D 70 -13.64 18.09 27.44
N ARG D 71 -14.14 17.91 28.66
CA ARG D 71 -15.37 18.64 28.99
C ARG D 71 -15.03 19.92 29.76
N GLY D 72 -16.00 20.84 29.81
CA GLY D 72 -15.65 22.22 30.17
C GLY D 72 -15.06 22.33 31.56
N ASP D 73 -15.59 21.57 32.53
CA ASP D 73 -15.05 21.61 33.88
C ASP D 73 -13.61 21.13 33.95
N GLU D 74 -13.09 20.51 32.89
CA GLU D 74 -11.72 20.02 32.93
C GLU D 74 -10.73 20.96 32.25
N VAL D 75 -11.20 22.02 31.58
CA VAL D 75 -10.25 22.91 30.92
C VAL D 75 -9.25 23.47 31.92
N ARG D 76 -9.69 23.71 33.17
CA ARG D 76 -8.80 24.21 34.21
C ARG D 76 -7.63 23.27 34.51
N GLN D 77 -7.78 21.97 34.25
CA GLN D 77 -6.67 21.01 34.46
C GLN D 77 -5.57 21.12 33.42
N ILE D 78 -5.81 21.73 32.25
CA ILE D 78 -4.78 21.89 31.23
C ILE D 78 -3.92 23.09 31.55
N ALA D 79 -3.09 22.94 32.58
CA ALA D 79 -2.23 24.01 33.08
C ALA D 79 -1.12 23.38 33.90
N PRO D 80 0.01 24.07 34.08
CA PRO D 80 1.04 23.52 34.99
C PRO D 80 0.55 23.38 36.42
N GLY D 81 0.99 22.30 37.07
CA GLY D 81 0.74 22.13 38.48
C GLY D 81 -0.63 21.60 38.84
N GLN D 82 -1.47 21.30 37.85
CA GLN D 82 -2.85 20.86 38.09
C GLN D 82 -2.90 19.37 38.43
N THR D 83 -3.98 18.98 39.11
CA THR D 83 -4.30 17.60 39.42
C THR D 83 -5.73 17.29 38.99
N GLY D 84 -6.07 16.02 39.02
CA GLY D 84 -7.36 15.52 38.55
C GLY D 84 -7.19 14.45 37.49
N LYS D 85 -8.32 13.87 37.08
CA LYS D 85 -8.27 12.73 36.16
C LYS D 85 -7.57 13.09 34.85
N ILE D 86 -7.83 14.28 34.31
CA ILE D 86 -7.20 14.65 33.04
C ILE D 86 -5.71 14.93 33.23
N ALA D 87 -5.36 15.84 34.13
CA ALA D 87 -3.95 16.15 34.35
C ALA D 87 -3.14 14.93 34.83
N ASP D 88 -3.77 14.01 35.56
CA ASP D 88 -3.05 12.88 36.13
C ASP D 88 -2.93 11.72 35.17
N TYR D 89 -4.02 11.39 34.43
CA TYR D 89 -4.08 10.14 33.68
C TYR D 89 -4.24 10.35 32.17
N ASN D 90 -4.27 11.58 31.68
CA ASN D 90 -4.52 11.77 30.25
C ASN D 90 -3.55 12.72 29.56
N TYR D 91 -3.37 13.95 30.07
CA TYR D 91 -2.47 14.93 29.45
C TYR D 91 -1.91 15.80 30.55
N LYS D 92 -0.59 15.75 30.74
CA LYS D 92 0.08 16.46 31.83
C LYS D 92 1.05 17.50 31.29
N LEU D 93 0.89 18.75 31.76
CA LEU D 93 1.87 19.78 31.40
C LEU D 93 2.96 19.85 32.47
N PRO D 94 4.21 20.09 32.09
CA PRO D 94 5.28 20.24 33.07
C PRO D 94 5.16 21.54 33.82
N ASP D 95 5.83 21.58 34.97
CA ASP D 95 5.90 22.81 35.77
C ASP D 95 6.48 23.96 34.94
N ASP D 96 7.58 23.71 34.21
CA ASP D 96 8.24 24.78 33.45
C ASP D 96 7.65 24.97 32.07
N PHE D 97 6.36 24.65 31.90
CA PHE D 97 5.72 24.78 30.60
C PHE D 97 5.91 26.18 30.04
N THR D 98 6.27 26.26 28.76
CA THR D 98 6.39 27.52 28.04
C THR D 98 5.49 27.43 26.82
N GLY D 99 4.34 28.09 26.88
CA GLY D 99 3.42 28.01 25.76
C GLY D 99 2.07 28.59 26.16
N CYS D 100 1.08 28.29 25.32
CA CYS D 100 -0.28 28.82 25.46
C CYS D 100 -1.31 27.70 25.38
N VAL D 101 -2.31 27.76 26.25
CA VAL D 101 -3.43 26.85 26.28
C VAL D 101 -4.64 27.61 25.74
N ILE D 102 -5.28 27.06 24.70
CA ILE D 102 -6.38 27.71 24.00
C ILE D 102 -7.54 26.74 23.94
N ALA D 103 -8.73 27.19 24.33
CA ALA D 103 -9.86 26.27 24.33
C ALA D 103 -11.10 27.02 23.87
N TRP D 104 -12.05 26.27 23.31
CA TRP D 104 -13.33 26.84 22.92
C TRP D 104 -14.43 25.80 23.05
N ASN D 105 -15.62 26.27 23.43
CA ASN D 105 -16.79 25.40 23.49
C ASN D 105 -17.09 24.84 22.11
N SER D 106 -17.25 23.51 22.01
CA SER D 106 -17.54 22.89 20.72
C SER D 106 -18.83 22.07 20.76
N ASN D 107 -19.78 22.51 21.60
CA ASN D 107 -21.05 21.80 21.74
C ASN D 107 -21.74 21.63 20.39
N ASN D 108 -21.65 22.63 19.52
CA ASN D 108 -22.34 22.55 18.23
C ASN D 108 -21.75 21.47 17.31
N LEU D 109 -20.50 21.04 17.52
CA LEU D 109 -19.91 20.02 16.67
C LEU D 109 -19.72 18.67 17.34
N ASP D 110 -19.44 18.66 18.64
CA ASP D 110 -19.03 17.42 19.28
C ASP D 110 -20.11 16.80 20.15
N SER D 111 -21.25 17.46 20.31
CA SER D 111 -22.35 16.81 20.98
C SER D 111 -23.38 16.37 19.95
N LYS D 112 -24.26 15.45 20.35
CA LYS D 112 -25.36 15.04 19.48
C LYS D 112 -26.48 14.45 20.35
N VAL D 113 -27.70 14.53 19.82
CA VAL D 113 -28.85 14.03 20.56
C VAL D 113 -28.72 12.53 20.77
N GLY D 114 -28.92 12.10 22.01
CA GLY D 114 -28.64 10.73 22.39
C GLY D 114 -27.23 10.50 22.90
N GLY D 115 -26.34 11.48 22.75
CA GLY D 115 -24.98 11.38 23.27
C GLY D 115 -23.97 11.03 22.20
N ASN D 116 -22.97 11.89 22.00
CA ASN D 116 -21.80 11.53 21.20
C ASN D 116 -20.83 10.81 22.12
N TYR D 117 -20.58 9.53 21.83
CA TYR D 117 -19.75 8.69 22.68
C TYR D 117 -18.35 8.48 22.11
N ASN D 118 -18.01 9.19 21.03
CA ASN D 118 -16.75 8.96 20.33
C ASN D 118 -15.54 9.47 21.10
N TYR D 119 -15.70 10.46 21.97
CA TYR D 119 -14.58 11.02 22.72
C TYR D 119 -14.40 10.29 24.05
N LEU D 120 -13.19 9.77 24.29
CA LEU D 120 -12.88 8.96 25.45
C LEU D 120 -11.85 9.67 26.33
N TYR D 121 -11.80 9.26 27.60
CA TYR D 121 -10.79 9.70 28.54
C TYR D 121 -10.43 8.50 29.40
N ARG D 122 -9.23 8.53 29.97
CA ARG D 122 -8.78 7.49 30.91
C ARG D 122 -9.24 7.83 32.33
N LEU D 123 -9.97 6.89 32.95
CA LEU D 123 -10.49 7.09 34.31
C LEU D 123 -9.52 6.65 35.38
N PHE D 124 -8.76 5.59 35.14
CA PHE D 124 -7.91 4.94 36.12
C PHE D 124 -6.52 4.71 35.56
N ARG D 125 -5.53 4.74 36.44
CA ARG D 125 -4.16 4.45 36.04
C ARG D 125 -3.33 4.20 37.30
N LYS D 126 -2.44 3.19 37.23
CA LYS D 126 -1.67 2.79 38.40
C LYS D 126 -0.78 3.91 38.91
N SER D 127 -0.41 4.86 38.06
CA SER D 127 0.41 5.99 38.47
C SER D 127 0.14 7.16 37.55
N ASN D 128 0.66 8.32 37.93
CA ASN D 128 0.40 9.55 37.20
C ASN D 128 1.29 9.62 35.96
N LEU D 129 0.78 10.24 34.91
CA LEU D 129 1.57 10.53 33.71
C LEU D 129 2.70 11.49 34.01
N LYS D 130 3.85 11.28 33.34
CA LYS D 130 4.87 12.29 33.28
C LYS D 130 4.46 13.39 32.29
N PRO D 131 5.04 14.58 32.42
CA PRO D 131 4.76 15.65 31.45
C PRO D 131 4.92 15.20 30.00
N PHE D 132 3.89 15.45 29.22
CA PHE D 132 3.79 15.12 27.79
C PHE D 132 3.84 13.62 27.51
N GLU D 133 3.65 12.78 28.52
CA GLU D 133 3.51 11.36 28.27
C GLU D 133 2.13 11.07 27.68
N ARG D 134 2.03 9.99 26.92
CA ARG D 134 0.74 9.54 26.41
C ARG D 134 0.56 8.06 26.73
N ASP D 135 -0.63 7.72 27.21
CA ASP D 135 -0.98 6.32 27.50
C ASP D 135 -2.17 5.90 26.65
N ILE D 136 -1.88 5.11 25.61
CA ILE D 136 -2.94 4.61 24.77
C ILE D 136 -3.27 3.15 25.09
N SER D 137 -2.74 2.64 26.19
CA SER D 137 -2.93 1.22 26.50
C SER D 137 -4.36 0.95 26.94
N THR D 138 -4.79 -0.31 26.78
CA THR D 138 -6.17 -0.71 27.05
C THR D 138 -6.26 -1.95 27.92
N GLU D 139 -5.35 -2.12 28.86
CA GLU D 139 -5.47 -3.28 29.74
C GLU D 139 -6.62 -3.07 30.74
N ILE D 140 -7.29 -4.16 31.10
CA ILE D 140 -8.27 -4.09 32.18
C ILE D 140 -7.59 -3.62 33.46
N TYR D 141 -8.19 -2.64 34.13
CA TYR D 141 -7.58 -2.06 35.33
C TYR D 141 -7.98 -2.87 36.55
N GLN D 142 -6.99 -3.47 37.20
CA GLN D 142 -7.23 -4.38 38.32
C GLN D 142 -7.18 -3.57 39.60
N ALA D 143 -8.34 -3.31 40.19
CA ALA D 143 -8.44 -2.46 41.38
C ALA D 143 -8.33 -3.22 42.69
N GLY D 144 -8.74 -4.48 42.74
CA GLY D 144 -8.53 -5.33 43.90
C GLY D 144 -7.36 -6.27 43.71
N SER D 145 -7.30 -7.29 44.57
CA SER D 145 -6.20 -8.25 44.52
C SER D 145 -6.52 -9.49 43.70
N THR D 146 -7.72 -9.59 43.13
CA THR D 146 -8.09 -10.68 42.25
C THR D 146 -7.69 -10.36 40.81
N PRO D 147 -7.12 -11.32 40.07
CA PRO D 147 -6.72 -11.05 38.69
C PRO D 147 -7.93 -10.90 37.78
N CYS D 148 -7.75 -10.15 36.69
CA CYS D 148 -8.85 -9.88 35.79
C CYS D 148 -8.89 -10.79 34.57
N ASN D 149 -7.74 -11.36 34.18
CA ASN D 149 -7.64 -12.27 33.02
C ASN D 149 -8.14 -11.59 31.73
N GLY D 150 -7.97 -10.27 31.64
CA GLY D 150 -8.40 -9.56 30.44
C GLY D 150 -9.90 -9.46 30.23
N VAL D 151 -10.72 -9.61 31.28
CA VAL D 151 -12.16 -9.46 31.13
C VAL D 151 -12.70 -8.56 32.25
N GLU D 152 -13.70 -7.75 31.91
CA GLU D 152 -14.33 -6.89 32.89
C GLU D 152 -15.04 -7.75 33.93
N GLY D 153 -15.20 -7.20 35.13
CA GLY D 153 -15.94 -7.89 36.17
C GLY D 153 -15.78 -7.22 37.50
N PHE D 154 -15.80 -8.03 38.56
CA PHE D 154 -15.78 -7.52 39.92
C PHE D 154 -14.41 -6.90 40.21
N ASN D 155 -14.42 -5.59 40.46
CA ASN D 155 -13.21 -4.82 40.74
C ASN D 155 -12.23 -4.88 39.56
N CYS D 156 -12.77 -5.04 38.36
CA CYS D 156 -11.97 -5.15 37.14
C CYS D 156 -12.67 -4.33 36.06
N TYR D 157 -12.10 -3.18 35.72
CA TYR D 157 -12.76 -2.14 34.92
C TYR D 157 -11.94 -1.80 33.69
N PHE D 158 -12.60 -1.71 32.55
CA PHE D 158 -11.96 -1.11 31.38
C PHE D 158 -11.53 0.31 31.71
N PRO D 159 -10.28 0.69 31.42
CA PRO D 159 -9.75 1.96 31.94
C PRO D 159 -10.27 3.21 31.25
N LEU D 160 -10.87 3.07 30.09
CA LEU D 160 -11.32 4.22 29.32
C LEU D 160 -12.82 4.33 29.44
N GLN D 161 -13.31 5.58 29.49
CA GLN D 161 -14.72 5.90 29.53
C GLN D 161 -15.01 6.93 28.45
N SER D 162 -16.23 6.89 27.93
CA SER D 162 -16.66 7.91 26.98
C SER D 162 -17.33 9.08 27.69
N TYR D 163 -17.03 10.30 27.26
CA TYR D 163 -17.85 11.46 27.63
C TYR D 163 -19.26 11.30 27.09
N GLY D 164 -20.23 11.85 27.79
CA GLY D 164 -21.56 11.76 27.22
C GLY D 164 -21.98 13.10 26.68
N PHE D 165 -21.46 13.51 25.51
CA PHE D 165 -21.75 14.86 25.03
C PHE D 165 -23.11 14.86 24.34
N GLN D 166 -24.11 15.46 25.02
CA GLN D 166 -25.43 15.81 24.54
C GLN D 166 -25.58 17.32 24.52
N PRO D 167 -26.25 17.89 23.52
CA PRO D 167 -26.30 19.36 23.41
C PRO D 167 -26.91 20.02 24.64
N THR D 168 -27.77 19.30 25.36
CA THR D 168 -28.48 19.83 26.51
C THR D 168 -27.70 19.71 27.80
N ASN D 169 -26.48 19.18 27.77
CA ASN D 169 -25.72 19.11 29.00
C ASN D 169 -25.47 20.52 29.53
N GLY D 170 -25.31 20.63 30.85
CA GLY D 170 -24.72 21.82 31.43
C GLY D 170 -23.33 22.07 30.87
N VAL D 171 -22.86 23.31 31.00
CA VAL D 171 -21.67 23.63 30.19
C VAL D 171 -20.43 22.93 30.74
N GLY D 172 -20.37 22.66 32.04
CA GLY D 172 -19.28 21.88 32.61
C GLY D 172 -19.15 20.47 32.05
N TYR D 173 -20.19 19.99 31.37
CA TYR D 173 -20.21 18.67 30.75
C TYR D 173 -20.38 18.78 29.24
N GLN D 174 -20.20 19.94 28.69
CA GLN D 174 -20.20 20.11 27.26
C GLN D 174 -18.77 19.98 26.74
N PRO D 175 -18.59 19.70 25.45
CA PRO D 175 -17.22 19.50 24.94
C PRO D 175 -16.51 20.82 24.65
N TYR D 176 -15.22 20.86 24.99
CA TYR D 176 -14.31 21.94 24.66
C TYR D 176 -13.17 21.34 23.84
N ARG D 177 -12.89 21.95 22.70
CA ARG D 177 -11.69 21.66 21.93
C ARG D 177 -10.54 22.46 22.51
N VAL D 178 -9.39 21.80 22.67
CA VAL D 178 -8.22 22.38 23.29
C VAL D 178 -7.03 22.22 22.34
N VAL D 179 -6.29 23.31 22.15
CA VAL D 179 -4.99 23.30 21.49
C VAL D 179 -3.98 23.84 22.50
N VAL D 180 -2.92 23.07 22.73
CA VAL D 180 -1.79 23.45 23.57
C VAL D 180 -0.61 23.73 22.64
N LEU D 181 -0.18 24.99 22.57
CA LEU D 181 0.99 25.40 21.80
C LEU D 181 2.18 25.44 22.73
N SER D 182 3.20 24.65 22.45
CA SER D 182 4.42 24.66 23.24
C SER D 182 5.51 25.28 22.37
N PHE D 183 6.37 26.10 22.98
CA PHE D 183 7.41 26.82 22.25
C PHE D 183 8.75 26.21 22.63
N GLU D 184 9.43 25.60 21.66
CA GLU D 184 10.65 24.85 21.90
C GLU D 184 11.84 25.65 21.42
N LEU D 185 12.82 25.85 22.31
CA LEU D 185 14.04 26.55 21.96
C LEU D 185 15.22 25.69 22.38
N LEU D 186 15.89 25.11 21.38
CA LEU D 186 17.08 24.32 21.58
C LEU D 186 18.29 25.11 21.11
N HIS D 187 19.48 24.58 21.39
CA HIS D 187 20.68 25.16 20.79
C HIS D 187 20.74 24.66 19.35
N ALA D 188 19.98 25.35 18.50
CA ALA D 188 19.80 24.96 17.11
C ALA D 188 19.26 26.18 16.38
N PRO D 189 19.29 26.19 15.05
CA PRO D 189 18.71 27.34 14.33
C PRO D 189 17.19 27.44 14.54
N ALA D 190 16.72 28.66 14.82
CA ALA D 190 15.29 28.90 14.90
C ALA D 190 14.63 28.64 13.56
N THR D 191 13.49 27.95 13.57
CA THR D 191 12.75 27.71 12.33
C THR D 191 11.35 28.31 12.34
N VAL D 192 10.86 28.76 13.49
CA VAL D 192 9.51 29.32 13.60
C VAL D 192 9.64 30.75 14.11
N CYS D 193 9.27 31.71 13.27
CA CYS D 193 9.44 33.12 13.62
C CYS D 193 8.16 33.91 13.40
N GLY D 194 8.00 34.99 14.17
CA GLY D 194 6.94 35.94 13.97
C GLY D 194 7.20 36.79 12.75
N PRO D 195 6.19 37.56 12.33
CA PRO D 195 6.25 38.30 11.06
C PRO D 195 7.32 39.40 11.06
N GLN E 1 7.38 3.05 0.60
CA GLN E 1 7.09 2.54 1.94
C GLN E 1 8.16 2.99 2.94
N VAL E 2 7.82 2.95 4.23
CA VAL E 2 8.76 3.37 5.26
C VAL E 2 9.87 2.33 5.37
N GLN E 3 11.12 2.76 5.20
CA GLN E 3 12.17 1.76 5.36
C GLN E 3 13.51 2.42 5.76
N LEU E 4 14.35 1.59 6.38
CA LEU E 4 15.70 1.95 6.80
C LEU E 4 16.64 0.96 6.15
N VAL E 5 17.63 1.47 5.43
CA VAL E 5 18.54 0.61 4.67
C VAL E 5 19.97 0.95 5.11
N GLN E 6 20.66 -0.05 5.64
CA GLN E 6 21.99 0.18 6.17
C GLN E 6 23.08 -0.19 5.16
N SER E 7 24.28 0.27 5.47
CA SER E 7 25.46 -0.04 4.66
C SER E 7 25.87 -1.51 4.91
N GLY E 8 26.77 -2.00 4.05
CA GLY E 8 27.06 -3.43 4.01
C GLY E 8 28.11 -3.89 5.01
N ALA E 9 28.38 -5.18 4.96
CA ALA E 9 29.23 -5.85 5.95
C ALA E 9 30.62 -5.22 6.01
N GLU E 10 31.14 -5.09 7.23
CA GLU E 10 32.43 -4.50 7.50
C GLU E 10 33.33 -5.50 8.20
N VAL E 11 34.59 -5.54 7.78
CA VAL E 11 35.61 -6.35 8.42
C VAL E 11 36.77 -5.42 8.73
N LYS E 12 37.20 -5.40 10.00
CA LYS E 12 38.05 -4.34 10.51
C LYS E 12 39.09 -4.95 11.44
N LYS E 13 40.28 -4.34 11.49
CA LYS E 13 41.24 -4.84 12.47
C LYS E 13 41.02 -4.16 13.81
N PRO E 14 41.40 -4.83 14.90
CA PRO E 14 41.27 -4.21 16.22
C PRO E 14 41.93 -2.84 16.26
N GLY E 15 41.35 -1.94 17.05
CA GLY E 15 41.86 -0.58 17.14
C GLY E 15 41.51 0.33 15.99
N ALA E 16 41.00 -0.20 14.89
CA ALA E 16 40.49 0.66 13.84
C ALA E 16 39.10 1.19 14.20
N SER E 17 38.58 2.05 13.33
CA SER E 17 37.25 2.60 13.50
C SER E 17 36.39 2.19 12.32
N VAL E 18 35.07 2.15 12.55
CA VAL E 18 34.09 1.76 11.54
C VAL E 18 32.96 2.78 11.58
N LYS E 19 32.40 3.11 10.41
CA LYS E 19 31.25 4.01 10.30
C LYS E 19 30.15 3.32 9.50
N VAL E 20 29.04 3.05 10.16
CA VAL E 20 27.87 2.42 9.57
C VAL E 20 26.86 3.51 9.27
N SER E 21 26.20 3.39 8.14
CA SER E 21 25.20 4.37 7.72
C SER E 21 23.83 3.73 7.67
N CYS E 22 22.80 4.56 7.75
CA CYS E 22 21.43 4.10 7.85
C CYS E 22 20.61 5.13 7.09
N LYS E 23 20.12 4.76 5.91
CA LYS E 23 19.37 5.66 5.06
C LYS E 23 17.86 5.45 5.27
N ALA E 24 17.15 6.54 5.52
CA ALA E 24 15.71 6.50 5.80
C ALA E 24 14.95 6.94 4.55
N SER E 25 13.85 6.26 4.27
CA SER E 25 13.02 6.72 3.17
C SER E 25 11.56 6.42 3.48
N GLY E 26 10.67 7.08 2.74
CA GLY E 26 9.25 6.82 2.92
C GLY E 26 8.58 7.63 4.01
N TYR E 27 9.29 8.56 4.63
CA TYR E 27 8.72 9.39 5.70
C TYR E 27 9.64 10.59 5.88
N THR E 28 9.18 11.57 6.66
CA THR E 28 10.01 12.76 6.88
C THR E 28 11.05 12.46 7.95
N PHE E 29 12.32 12.42 7.54
CA PHE E 29 13.43 11.97 8.37
C PHE E 29 13.47 12.64 9.75
N THR E 30 13.25 13.96 9.82
CA THR E 30 13.38 14.69 11.09
C THR E 30 12.19 14.49 12.04
N ASP E 31 11.14 13.81 11.60
CA ASP E 31 9.95 13.58 12.44
C ASP E 31 10.18 12.63 13.60
N TYR E 32 11.19 11.77 13.50
CA TYR E 32 11.34 10.63 14.38
C TYR E 32 12.79 10.49 14.82
N PHE E 33 12.98 10.15 16.10
CA PHE E 33 14.32 9.82 16.57
C PHE E 33 14.78 8.52 15.93
N LEU E 34 16.09 8.28 15.96
CA LEU E 34 16.64 7.04 15.46
C LEU E 34 17.46 6.42 16.59
N HIS E 35 17.30 5.11 16.80
CA HIS E 35 18.07 4.36 17.78
C HIS E 35 19.11 3.48 17.09
N TRP E 36 20.18 3.20 17.83
CA TRP E 36 21.14 2.18 17.41
C TRP E 36 21.15 1.08 18.45
N VAL E 37 21.10 -0.18 17.99
CA VAL E 37 21.05 -1.37 18.81
C VAL E 37 22.05 -2.37 18.24
N ARG E 38 22.76 -3.07 19.10
CA ARG E 38 23.67 -4.09 18.56
C ARG E 38 23.37 -5.45 19.17
N GLN E 39 23.81 -6.49 18.48
CA GLN E 39 23.55 -7.87 18.89
C GLN E 39 24.81 -8.68 18.58
N ALA E 40 25.55 -9.07 19.62
CA ALA E 40 26.73 -9.91 19.43
C ALA E 40 26.29 -11.34 19.09
N PRO E 41 27.19 -12.15 18.49
CA PRO E 41 26.75 -13.34 17.74
C PRO E 41 25.77 -14.25 18.47
N GLY E 42 26.06 -14.64 19.70
CA GLY E 42 25.08 -15.55 20.31
C GLY E 42 24.09 -14.91 21.25
N GLN E 43 23.91 -13.60 21.19
CA GLN E 43 23.40 -12.91 22.38
C GLN E 43 22.22 -12.00 22.09
N GLY E 44 21.85 -11.19 23.09
CA GLY E 44 20.68 -10.37 23.00
C GLY E 44 20.94 -8.97 22.47
N LEU E 45 19.86 -8.21 22.37
CA LEU E 45 19.92 -6.83 21.93
C LEU E 45 20.51 -5.94 23.01
N GLU E 46 21.30 -4.97 22.57
CA GLU E 46 21.94 -3.99 23.43
C GLU E 46 21.71 -2.60 22.86
N TRP E 47 21.11 -1.72 23.65
CA TRP E 47 20.93 -0.35 23.16
C TRP E 47 22.24 0.43 23.18
N MET E 48 22.46 1.21 22.14
CA MET E 48 23.66 2.02 22.04
C MET E 48 23.37 3.51 22.25
N GLY E 49 22.19 3.97 21.90
CA GLY E 49 21.90 5.39 21.98
C GLY E 49 20.83 5.78 21.00
N TRP E 50 20.35 7.04 21.14
CA TRP E 50 19.47 7.64 20.15
C TRP E 50 20.03 8.97 19.66
N ILE E 51 19.62 9.34 18.45
CA ILE E 51 19.92 10.65 17.88
C ILE E 51 18.59 11.27 17.46
N ASN E 52 18.46 12.56 17.69
CA ASN E 52 17.33 13.31 17.19
C ASN E 52 17.75 13.98 15.89
N PRO E 53 17.30 13.51 14.72
CA PRO E 53 17.78 14.10 13.46
C PRO E 53 17.36 15.53 13.30
N ASP E 54 16.32 15.96 14.04
CA ASP E 54 15.83 17.32 13.90
C ASP E 54 16.78 18.35 14.51
N SER E 55 17.55 17.97 15.53
CA SER E 55 18.45 18.89 16.21
C SER E 55 19.89 18.44 16.25
N GLY E 56 20.17 17.16 16.00
CA GLY E 56 21.48 16.59 16.17
C GLY E 56 21.81 16.19 17.60
N GLY E 57 20.90 16.44 18.54
CA GLY E 57 21.11 16.00 19.91
C GLY E 57 21.15 14.50 20.01
N THR E 58 21.96 14.01 20.97
CA THR E 58 22.21 12.58 21.14
C THR E 58 22.09 12.21 22.61
N ASN E 59 21.81 10.93 22.83
CA ASN E 59 21.82 10.33 24.17
C ASN E 59 22.45 8.95 24.02
N TYR E 60 23.69 8.80 24.51
CA TYR E 60 24.46 7.56 24.40
C TYR E 60 24.22 6.66 25.60
N ALA E 61 24.23 5.36 25.37
CA ALA E 61 24.33 4.39 26.46
C ALA E 61 25.69 4.54 27.13
N GLN E 62 25.75 4.51 28.47
CA GLN E 62 27.06 4.98 28.91
C GLN E 62 28.14 3.93 28.79
N ARG E 63 27.80 2.67 28.50
CA ARG E 63 28.82 1.70 28.09
C ARG E 63 29.50 2.12 26.79
N PHE E 64 28.84 2.93 25.98
CA PHE E 64 29.37 3.36 24.69
C PHE E 64 29.72 4.83 24.65
N GLN E 65 29.50 5.56 25.75
CA GLN E 65 29.79 6.99 25.83
C GLN E 65 31.20 7.33 25.33
N GLY E 66 32.22 6.71 25.89
CA GLY E 66 33.48 7.18 25.34
C GLY E 66 33.92 6.63 23.99
N ARG E 67 33.12 5.89 23.24
CA ARG E 67 33.68 5.22 22.07
C ARG E 67 32.82 5.29 20.82
N VAL E 68 31.65 5.88 20.89
CA VAL E 68 30.70 5.86 19.80
C VAL E 68 30.28 7.30 19.51
N THR E 69 30.11 7.61 18.23
CA THR E 69 29.62 8.91 17.80
C THR E 69 28.45 8.67 16.88
N MET E 70 27.30 9.27 17.18
CA MET E 70 26.21 9.28 16.21
C MET E 70 26.07 10.65 15.57
N THR E 71 25.90 10.67 14.25
CA THR E 71 25.66 11.91 13.52
C THR E 71 24.53 11.68 12.53
N ARG E 72 24.10 12.76 11.88
CA ARG E 72 23.14 12.62 10.79
C ARG E 72 23.37 13.73 9.78
N ASP E 73 22.87 13.46 8.57
CA ASP E 73 22.85 14.40 7.44
C ASP E 73 21.42 14.46 6.91
N THR E 74 20.71 15.54 7.28
CA THR E 74 19.30 15.63 6.93
C THR E 74 19.12 15.86 5.43
N SER E 75 20.11 16.44 4.76
CA SER E 75 19.98 16.67 3.33
C SER E 75 19.82 15.37 2.56
N ILE E 76 20.33 14.26 3.10
CA ILE E 76 20.21 12.95 2.44
C ILE E 76 19.55 11.93 3.36
N SER E 77 18.88 12.37 4.42
CA SER E 77 18.11 11.48 5.29
C SER E 77 18.93 10.29 5.75
N THR E 78 20.16 10.55 6.21
CA THR E 78 21.03 9.44 6.58
C THR E 78 21.57 9.68 7.98
N ALA E 79 21.58 8.63 8.80
CA ALA E 79 22.23 8.69 10.11
C ALA E 79 23.46 7.80 10.08
N TYR E 80 24.43 8.14 10.92
CA TYR E 80 25.69 7.42 10.98
C TYR E 80 26.02 7.05 12.40
N MET E 81 26.67 5.91 12.56
CA MET E 81 27.19 5.47 13.84
C MET E 81 28.62 5.04 13.63
N GLU E 82 29.55 5.66 14.36
CA GLU E 82 30.97 5.39 14.23
C GLU E 82 31.45 4.81 15.55
N VAL E 83 32.08 3.65 15.49
CA VAL E 83 32.76 3.09 16.64
C VAL E 83 34.25 3.29 16.43
N SER E 84 34.89 3.92 17.40
CA SER E 84 36.33 4.11 17.48
C SER E 84 36.98 2.99 18.29
N ARG E 85 38.27 2.78 18.04
CA ARG E 85 39.08 1.82 18.78
C ARG E 85 38.32 0.49 18.95
N LEU E 86 38.08 -0.15 17.80
CA LEU E 86 37.31 -1.38 17.81
C LEU E 86 38.06 -2.46 18.58
N ARG E 87 37.31 -3.15 19.42
CA ARG E 87 37.77 -4.32 20.15
C ARG E 87 37.18 -5.55 19.49
N SER E 88 37.75 -6.71 19.83
CA SER E 88 37.24 -7.97 19.30
C SER E 88 35.79 -8.21 19.71
N ASP E 89 35.42 -7.84 20.94
CA ASP E 89 34.05 -8.07 21.39
C ASP E 89 33.06 -7.02 20.89
N ASP E 90 33.47 -6.17 19.95
CA ASP E 90 32.56 -5.32 19.17
C ASP E 90 32.02 -6.01 17.94
N THR E 91 32.46 -7.23 17.66
CA THR E 91 31.90 -8.02 16.58
C THR E 91 30.43 -8.28 16.88
N ALA E 92 29.57 -7.92 15.93
CA ALA E 92 28.14 -7.88 16.24
C ALA E 92 27.42 -7.41 15.00
N VAL E 93 26.12 -7.60 15.01
CA VAL E 93 25.24 -6.95 14.05
C VAL E 93 24.79 -5.63 14.68
N TYR E 94 24.87 -4.56 13.91
CA TYR E 94 24.45 -3.23 14.30
C TYR E 94 23.19 -2.89 13.53
N TYR E 95 22.14 -2.50 14.26
CA TYR E 95 20.87 -2.08 13.68
C TYR E 95 20.64 -0.61 14.00
N CYS E 96 20.06 0.11 13.04
CA CYS E 96 19.38 1.36 13.31
C CYS E 96 17.88 1.08 13.29
N ALA E 97 17.13 1.81 14.14
CA ALA E 97 15.70 1.53 14.28
C ALA E 97 14.98 2.85 14.55
N ARG E 98 13.83 3.06 13.92
CA ARG E 98 13.09 4.30 14.09
C ARG E 98 12.29 4.25 15.40
N ASP E 99 12.45 5.31 16.18
CA ASP E 99 11.58 5.56 17.33
C ASP E 99 10.14 5.69 16.86
N ASN E 100 9.22 5.00 17.53
CA ASN E 100 7.89 4.92 16.94
C ASN E 100 7.02 6.15 17.28
N GLU E 101 7.56 7.18 17.93
CA GLU E 101 6.74 8.30 18.40
C GLU E 101 7.09 9.55 17.59
N ARG E 102 6.15 9.99 16.75
CA ARG E 102 6.36 11.19 15.94
C ARG E 102 6.45 12.44 16.83
N TYR E 103 7.36 13.36 16.46
CA TYR E 103 7.40 14.73 17.01
C TYR E 103 7.72 14.77 18.51
N GLN E 104 8.73 14.02 18.94
CA GLN E 104 9.20 14.08 20.32
C GLN E 104 9.68 15.48 20.65
N MET E 105 9.40 15.93 21.88
CA MET E 105 10.13 17.06 22.42
C MET E 105 11.40 16.51 23.06
N GLN E 106 12.55 16.97 22.58
CA GLN E 106 13.82 16.42 23.07
C GLN E 106 13.95 16.55 24.59
N ASN E 107 13.50 17.69 25.15
CA ASN E 107 13.59 17.89 26.59
C ASN E 107 12.49 17.16 27.36
N TYR E 108 11.50 16.57 26.68
CA TYR E 108 10.50 15.74 27.35
C TYR E 108 10.31 14.44 26.58
N TYR E 109 11.43 13.74 26.37
CA TYR E 109 11.43 12.55 25.52
C TYR E 109 10.70 11.39 26.20
N HIS E 110 9.95 10.61 25.42
CA HIS E 110 9.33 9.40 25.93
C HIS E 110 9.54 8.26 24.94
N TYR E 111 9.97 7.11 25.44
CA TYR E 111 10.24 5.94 24.60
C TYR E 111 9.07 4.96 24.66
N TYR E 112 8.44 4.70 23.50
CA TYR E 112 7.39 3.71 23.42
C TYR E 112 7.75 2.53 22.53
N GLY E 113 8.88 2.57 21.85
CA GLY E 113 9.26 1.42 21.05
C GLY E 113 9.91 1.81 19.73
N MET E 114 10.37 0.80 19.02
CA MET E 114 11.01 0.96 17.70
C MET E 114 10.24 0.17 16.65
N ASP E 115 9.64 0.90 15.70
CA ASP E 115 8.65 0.30 14.81
C ASP E 115 9.22 -0.09 13.45
N VAL E 116 10.31 0.53 13.00
CA VAL E 116 10.94 0.18 11.73
C VAL E 116 12.40 -0.09 11.99
N TRP E 117 12.91 -1.22 11.52
CA TRP E 117 14.28 -1.62 11.75
C TRP E 117 15.03 -1.69 10.44
N GLY E 118 16.26 -1.22 10.43
CA GLY E 118 17.14 -1.52 9.30
C GLY E 118 17.40 -3.02 9.22
N GLN E 119 18.01 -3.43 8.10
CA GLN E 119 18.27 -4.87 7.94
C GLN E 119 19.44 -5.36 8.79
N GLY E 120 20.24 -4.46 9.35
CA GLY E 120 21.40 -4.78 10.13
C GLY E 120 22.68 -4.71 9.29
N THR E 121 23.81 -4.51 9.97
CA THR E 121 25.14 -4.43 9.36
C THR E 121 26.07 -5.26 10.23
N THR E 122 26.68 -6.30 9.67
CA THR E 122 27.67 -7.05 10.46
C THR E 122 28.99 -6.28 10.50
N VAL E 123 29.60 -6.25 11.69
CA VAL E 123 30.94 -5.70 11.89
C VAL E 123 31.74 -6.82 12.53
N THR E 124 32.78 -7.27 11.84
CA THR E 124 33.62 -8.36 12.31
C THR E 124 35.00 -7.77 12.58
N VAL E 125 35.48 -7.95 13.80
CA VAL E 125 36.75 -7.35 14.23
C VAL E 125 37.76 -8.48 14.37
N VAL E 126 38.72 -8.55 13.44
CA VAL E 126 39.69 -9.64 13.43
C VAL E 126 41.04 -9.13 12.93
N SER E 127 42.09 -9.87 13.26
CA SER E 127 43.42 -9.50 12.79
C SER E 127 43.86 -10.26 11.55
N ARG E 128 43.14 -11.31 11.18
CA ARG E 128 43.55 -12.28 10.18
C ARG E 128 42.36 -12.51 9.26
N ARG E 129 42.61 -12.60 7.95
CA ARG E 129 41.61 -13.14 7.04
C ARG E 129 42.28 -14.20 6.18
N LEU E 130 41.76 -15.42 6.26
CA LEU E 130 42.33 -16.58 5.56
C LEU E 130 41.33 -17.12 4.55
N PRO E 131 41.62 -17.11 3.26
CA PRO E 131 40.70 -17.72 2.30
C PRO E 131 40.71 -19.23 2.47
N PRO E 132 39.63 -19.91 2.12
CA PRO E 132 39.57 -21.35 2.33
C PRO E 132 40.36 -22.09 1.27
N SER E 133 40.72 -23.33 1.60
CA SER E 133 41.09 -24.32 0.60
C SER E 133 39.84 -25.08 0.19
N VAL E 134 39.63 -25.25 -1.12
CA VAL E 134 38.41 -25.85 -1.65
C VAL E 134 38.77 -27.21 -2.26
N PHE E 135 38.10 -28.26 -1.78
CA PHE E 135 38.33 -29.59 -2.32
C PHE E 135 37.05 -30.16 -2.93
N PRO E 136 37.16 -30.91 -4.01
CA PRO E 136 35.95 -31.53 -4.57
C PRO E 136 35.53 -32.73 -3.74
N LEU E 137 34.22 -32.95 -3.67
CA LEU E 137 33.60 -34.13 -3.08
C LEU E 137 32.94 -34.85 -4.26
N ALA E 138 33.64 -35.86 -4.81
CA ALA E 138 33.26 -36.42 -6.11
C ALA E 138 31.99 -37.26 -5.98
N PRO E 139 31.18 -37.32 -7.05
CA PRO E 139 29.95 -38.12 -6.97
C PRO E 139 30.25 -39.59 -6.76
N ALA E 150 24.80 -37.31 -5.47
CA ALA E 150 25.34 -36.35 -4.50
C ALA E 150 26.81 -35.98 -4.75
N LEU E 151 27.08 -34.74 -5.15
CA LEU E 151 28.43 -34.24 -5.29
C LEU E 151 28.55 -32.94 -4.51
N GLY E 152 29.76 -32.44 -4.30
CA GLY E 152 29.87 -31.17 -3.62
C GLY E 152 31.29 -30.65 -3.48
N CYS E 153 31.43 -29.73 -2.54
CA CYS E 153 32.66 -29.01 -2.30
C CYS E 153 32.90 -28.91 -0.80
N LEU E 154 34.10 -29.26 -0.38
CA LEU E 154 34.55 -29.07 1.00
C LEU E 154 35.33 -27.76 1.06
N VAL E 155 34.88 -26.84 1.92
CA VAL E 155 35.45 -25.51 2.06
C VAL E 155 36.14 -25.47 3.42
N LYS E 156 37.46 -25.59 3.43
CA LYS E 156 38.20 -25.89 4.65
C LYS E 156 39.06 -24.70 5.08
N ASP E 157 39.12 -24.50 6.41
CA ASP E 157 40.15 -23.71 7.05
C ASP E 157 40.15 -22.26 6.59
N TYR E 158 38.97 -21.63 6.66
CA TYR E 158 38.88 -20.21 6.37
C TYR E 158 38.52 -19.42 7.63
N PHE E 159 38.63 -18.11 7.51
CA PHE E 159 38.43 -17.21 8.66
C PHE E 159 38.43 -15.76 8.20
N PRO E 160 37.49 -14.93 8.70
CA PRO E 160 36.33 -15.32 9.52
C PRO E 160 35.15 -15.74 8.63
N GLU E 161 33.98 -15.98 9.21
CA GLU E 161 32.76 -16.09 8.42
C GLU E 161 32.45 -14.75 7.76
N PRO E 162 31.59 -14.75 6.73
CA PRO E 162 30.94 -15.88 6.06
C PRO E 162 31.64 -16.31 4.77
N VAL E 163 31.33 -17.53 4.34
CA VAL E 163 31.60 -17.95 2.98
C VAL E 163 30.24 -18.17 2.32
N THR E 164 30.12 -17.85 1.05
CA THR E 164 28.93 -18.23 0.30
C THR E 164 29.33 -19.15 -0.85
N VAL E 165 28.44 -20.07 -1.20
CA VAL E 165 28.71 -21.04 -2.25
C VAL E 165 27.59 -21.01 -3.26
N SER E 166 27.93 -20.82 -4.52
CA SER E 166 27.02 -21.01 -5.62
C SER E 166 27.50 -22.19 -6.46
N TRP E 167 26.67 -22.60 -7.42
CA TRP E 167 27.03 -23.70 -8.29
C TRP E 167 26.77 -23.28 -9.72
N ASN E 168 27.77 -23.51 -10.59
CA ASN E 168 27.64 -23.17 -12.00
C ASN E 168 27.30 -21.69 -12.16
N SER E 169 27.95 -20.84 -11.37
CA SER E 169 27.75 -19.38 -11.42
C SER E 169 26.27 -19.01 -11.22
N GLY E 170 25.59 -19.75 -10.32
CA GLY E 170 24.22 -19.47 -9.97
C GLY E 170 23.19 -20.10 -10.87
N ALA E 171 23.60 -20.78 -11.94
CA ALA E 171 22.65 -21.42 -12.84
C ALA E 171 22.03 -22.68 -12.23
N LEU E 172 22.71 -23.33 -11.29
CA LEU E 172 22.23 -24.54 -10.63
C LEU E 172 21.82 -24.21 -9.21
N THR E 173 20.51 -24.19 -8.96
CA THR E 173 19.95 -23.92 -7.63
C THR E 173 19.18 -25.10 -7.05
N SER E 174 18.46 -25.84 -7.87
CA SER E 174 17.73 -27.02 -7.40
C SER E 174 18.69 -28.05 -6.82
N GLY E 175 18.35 -28.59 -5.66
CA GLY E 175 19.12 -29.63 -5.01
C GLY E 175 20.34 -29.17 -4.24
N VAL E 176 20.57 -27.85 -4.13
CA VAL E 176 21.74 -27.31 -3.45
C VAL E 176 21.46 -27.24 -1.95
N HIS E 177 22.33 -27.88 -1.16
CA HIS E 177 22.29 -27.82 0.29
C HIS E 177 23.67 -27.45 0.81
N THR E 178 23.81 -26.22 1.28
CA THR E 178 25.04 -25.74 1.90
C THR E 178 24.90 -25.85 3.41
N PHE E 179 25.77 -26.62 4.04
CA PHE E 179 25.62 -26.87 5.47
C PHE E 179 26.20 -25.72 6.31
N PRO E 180 25.68 -25.51 7.52
CA PRO E 180 26.33 -24.55 8.43
C PRO E 180 27.78 -24.93 8.67
N ALA E 181 28.62 -23.91 8.84
CA ALA E 181 30.04 -24.14 9.10
C ALA E 181 30.27 -24.69 10.49
N VAL E 182 31.35 -25.43 10.64
CA VAL E 182 31.82 -25.88 11.94
C VAL E 182 32.95 -24.95 12.35
N LEU E 183 32.98 -24.59 13.62
CA LEU E 183 34.10 -23.84 14.20
C LEU E 183 35.08 -24.85 14.76
N GLN E 184 36.16 -25.10 14.04
CA GLN E 184 37.10 -26.14 14.46
C GLN E 184 37.94 -25.65 15.64
N SER E 185 38.69 -26.59 16.23
CA SER E 185 39.50 -26.27 17.39
C SER E 185 40.56 -25.22 17.06
N SER E 186 41.03 -25.21 15.81
CA SER E 186 42.06 -24.25 15.42
C SER E 186 41.52 -22.84 15.26
N GLY E 187 40.24 -22.60 15.57
CA GLY E 187 39.62 -21.31 15.37
C GLY E 187 39.24 -20.98 13.95
N LEU E 188 39.51 -21.88 12.99
CA LEU E 188 39.07 -21.69 11.61
C LEU E 188 37.77 -22.43 11.35
N TYR E 189 37.09 -22.02 10.29
CA TYR E 189 35.82 -22.62 9.89
C TYR E 189 36.00 -23.59 8.74
N SER E 190 35.14 -24.62 8.71
CA SER E 190 34.94 -25.41 7.51
C SER E 190 33.45 -25.60 7.28
N LEU E 191 33.05 -25.61 6.02
CA LEU E 191 31.69 -26.04 5.68
C LEU E 191 31.72 -26.88 4.40
N SER E 192 30.58 -27.49 4.09
CA SER E 192 30.41 -28.25 2.85
C SER E 192 29.15 -27.79 2.15
N SER E 193 29.17 -27.84 0.82
CA SER E 193 28.00 -27.60 0.00
C SER E 193 27.83 -28.79 -0.93
N VAL E 194 26.62 -29.33 -1.03
CA VAL E 194 26.35 -30.45 -1.93
C VAL E 194 25.23 -30.09 -2.88
N VAL E 195 25.21 -30.78 -4.01
CA VAL E 195 24.09 -30.82 -4.95
C VAL E 195 23.77 -32.28 -5.22
N THR E 196 22.48 -32.61 -5.16
CA THR E 196 21.97 -33.86 -5.70
C THR E 196 21.63 -33.64 -7.16
N VAL E 197 22.14 -34.54 -8.01
CA VAL E 197 22.01 -34.38 -9.46
C VAL E 197 21.68 -35.72 -10.09
N PRO E 198 21.04 -35.70 -11.26
CA PRO E 198 20.71 -36.97 -11.93
C PRO E 198 21.96 -37.75 -12.27
N SER E 199 22.03 -38.98 -11.76
CA SER E 199 23.22 -39.82 -11.96
C SER E 199 23.50 -40.03 -13.43
N SER E 200 22.46 -40.18 -14.24
CA SER E 200 22.63 -40.29 -15.69
C SER E 200 22.83 -38.91 -16.30
N SER E 201 23.81 -38.14 -15.80
CA SER E 201 24.11 -36.80 -16.29
C SER E 201 25.55 -36.44 -15.95
N LEU E 202 26.07 -37.05 -14.88
CA LEU E 202 27.47 -36.93 -14.51
C LEU E 202 28.32 -37.44 -15.67
N GLY E 203 28.95 -36.54 -16.41
CA GLY E 203 29.70 -36.93 -17.58
C GLY E 203 29.37 -36.05 -18.76
N THR E 204 28.11 -35.66 -18.88
CA THR E 204 27.73 -34.64 -19.85
C THR E 204 27.74 -33.24 -19.27
N GLN E 205 27.37 -33.11 -17.99
CA GLN E 205 27.28 -31.80 -17.33
C GLN E 205 28.49 -31.56 -16.45
N THR E 206 29.15 -30.43 -16.66
CA THR E 206 30.21 -30.01 -15.76
C THR E 206 29.61 -29.29 -14.56
N TYR E 207 30.10 -29.63 -13.36
CA TYR E 207 29.62 -29.07 -12.12
C TYR E 207 30.75 -28.29 -11.46
N ILE E 208 30.51 -27.00 -11.19
CA ILE E 208 31.53 -26.11 -10.65
C ILE E 208 30.97 -25.40 -9.42
N CYS E 209 31.65 -25.53 -8.30
CA CYS E 209 31.27 -24.72 -7.15
C CYS E 209 32.10 -23.45 -7.10
N ASN E 210 31.42 -22.32 -6.85
CA ASN E 210 32.01 -20.99 -6.74
C ASN E 210 31.94 -20.59 -5.28
N VAL E 211 33.09 -20.50 -4.63
CA VAL E 211 33.21 -20.25 -3.20
C VAL E 211 33.67 -18.80 -3.05
N ASN E 212 32.82 -17.96 -2.47
CA ASN E 212 33.13 -16.54 -2.25
C ASN E 212 33.46 -16.33 -0.78
N HIS E 213 34.60 -15.67 -0.52
CA HIS E 213 35.05 -15.28 0.81
C HIS E 213 35.33 -13.78 0.76
N LYS E 214 34.26 -13.00 0.96
CA LYS E 214 34.40 -11.54 0.92
C LYS E 214 35.45 -11.00 1.89
N PRO E 215 35.60 -11.52 3.11
CA PRO E 215 36.61 -10.95 4.01
C PRO E 215 38.02 -10.98 3.46
N SER E 216 38.39 -11.99 2.67
CA SER E 216 39.72 -12.02 2.07
C SER E 216 39.73 -11.60 0.61
N ASN E 217 38.62 -11.06 0.13
CA ASN E 217 38.52 -10.64 -1.27
C ASN E 217 38.85 -11.80 -2.22
N THR E 218 38.42 -13.03 -1.88
CA THR E 218 38.76 -14.20 -2.69
C THR E 218 37.52 -14.92 -3.21
N LYS E 219 37.60 -15.39 -4.46
CA LYS E 219 36.60 -16.27 -5.04
C LYS E 219 37.32 -17.46 -5.67
N VAL E 220 36.96 -18.67 -5.27
CA VAL E 220 37.60 -19.90 -5.75
C VAL E 220 36.56 -20.71 -6.51
N ASP E 221 36.88 -21.11 -7.74
CA ASP E 221 36.06 -22.04 -8.50
C ASP E 221 36.73 -23.40 -8.51
N LYS E 222 35.97 -24.44 -8.20
CA LYS E 222 36.49 -25.79 -8.24
C LYS E 222 35.53 -26.67 -9.02
N LYS E 223 35.98 -27.25 -10.13
CA LYS E 223 35.06 -28.13 -10.83
C LYS E 223 35.20 -29.53 -10.24
N VAL E 224 34.07 -30.21 -10.15
CA VAL E 224 33.93 -31.46 -9.41
C VAL E 224 33.59 -32.55 -10.42
N GLU E 225 34.53 -33.44 -10.64
CA GLU E 225 34.30 -34.46 -11.65
C GLU E 225 34.23 -35.84 -10.99
N PRO E 226 33.52 -36.79 -11.59
CA PRO E 226 33.53 -38.16 -11.04
C PRO E 226 34.92 -38.76 -11.09
N LYS E 227 35.34 -39.34 -9.96
CA LYS E 227 36.70 -39.87 -9.85
C LYS E 227 36.88 -41.13 -10.68
N GLN F 1 23.10 -0.38 31.21
CA GLN F 1 23.33 -0.30 32.66
C GLN F 1 22.55 -1.28 33.51
N SER F 2 21.47 -1.81 32.93
CA SER F 2 20.72 -2.90 33.53
C SER F 2 20.24 -3.81 32.42
N VAL F 3 19.46 -4.80 32.82
CA VAL F 3 18.89 -5.79 31.94
C VAL F 3 17.52 -6.11 32.55
N LEU F 4 16.53 -6.29 31.69
CA LEU F 4 15.30 -6.95 32.08
C LEU F 4 15.57 -8.45 32.10
N THR F 5 14.84 -9.17 32.95
CA THR F 5 15.01 -10.62 33.06
C THR F 5 13.85 -11.36 32.40
N GLN F 6 14.18 -12.24 31.45
CA GLN F 6 13.27 -13.20 30.81
C GLN F 6 13.79 -14.62 31.00
N PRO F 7 12.91 -15.62 31.03
CA PRO F 7 13.38 -17.02 30.98
C PRO F 7 14.09 -17.28 29.67
N PRO F 8 15.16 -18.08 29.67
CA PRO F 8 15.91 -18.28 28.42
C PRO F 8 15.12 -19.06 27.37
N SER F 9 14.16 -19.87 27.77
CA SER F 9 13.39 -20.64 26.79
C SER F 9 11.96 -20.80 27.26
N ALA F 10 11.08 -21.01 26.29
CA ALA F 10 9.70 -21.38 26.55
C ALA F 10 9.25 -22.32 25.45
N SER F 11 8.29 -23.20 25.81
CA SER F 11 7.90 -24.36 25.02
C SER F 11 6.38 -24.48 24.98
N GLY F 12 5.86 -24.89 23.81
CA GLY F 12 4.46 -25.28 23.71
C GLY F 12 4.21 -26.13 22.48
N THR F 13 3.03 -26.80 22.49
CA THR F 13 2.52 -27.46 21.28
C THR F 13 1.46 -26.58 20.63
N PRO F 14 1.11 -26.83 19.35
CA PRO F 14 0.26 -25.87 18.64
C PRO F 14 -1.14 -25.79 19.25
N GLY F 15 -1.73 -24.58 19.21
CA GLY F 15 -3.03 -24.29 19.80
C GLY F 15 -2.97 -23.98 21.28
N GLN F 16 -1.82 -24.12 21.89
CA GLN F 16 -1.69 -24.02 23.33
C GLN F 16 -1.26 -22.59 23.69
N ARG F 17 -1.50 -22.21 24.95
CA ARG F 17 -1.24 -20.84 25.38
C ARG F 17 0.10 -20.79 26.08
N VAL F 18 0.99 -19.91 25.60
CA VAL F 18 2.34 -19.83 26.14
C VAL F 18 2.56 -18.40 26.62
N THR F 19 3.15 -18.24 27.79
CA THR F 19 3.47 -16.91 28.30
C THR F 19 4.96 -16.78 28.57
N ILE F 20 5.46 -15.56 28.40
CA ILE F 20 6.87 -15.24 28.60
C ILE F 20 6.94 -14.04 29.54
N SER F 21 7.59 -14.22 30.68
CA SER F 21 7.67 -13.15 31.66
C SER F 21 8.84 -12.21 31.36
N CYS F 22 8.73 -10.99 31.88
CA CYS F 22 9.77 -9.98 31.73
C CYS F 22 9.80 -9.18 33.03
N SER F 23 10.94 -9.19 33.72
CA SER F 23 10.99 -8.66 35.08
C SER F 23 12.01 -7.53 35.14
N GLY F 24 11.58 -6.38 35.66
CA GLY F 24 12.42 -5.21 35.76
C GLY F 24 12.44 -4.61 37.17
N SER F 25 12.60 -3.29 37.21
CA SER F 25 12.72 -2.56 38.46
C SER F 25 11.81 -1.34 38.42
N SER F 26 11.74 -0.62 39.54
CA SER F 26 10.84 0.53 39.59
C SER F 26 11.26 1.61 38.55
N SER F 27 12.54 1.68 38.21
CA SER F 27 12.99 2.73 37.32
C SER F 27 12.78 2.41 35.85
N ASN F 28 12.50 1.15 35.48
CA ASN F 28 12.21 0.94 34.07
C ASN F 28 10.76 0.49 33.89
N ILE F 29 10.47 -0.81 34.01
CA ILE F 29 9.10 -1.26 33.79
C ILE F 29 8.15 -0.60 34.79
N GLY F 30 8.63 -0.35 36.01
CA GLY F 30 7.75 0.25 37.02
C GLY F 30 7.38 1.68 36.69
N SER F 31 8.14 2.34 35.83
CA SER F 31 7.88 3.72 35.50
C SER F 31 7.42 3.96 34.05
N ASN F 32 7.71 3.07 33.10
CA ASN F 32 7.49 3.33 31.67
C ASN F 32 6.75 2.17 31.01
N THR F 33 6.42 2.30 29.72
CA THR F 33 5.69 1.24 29.05
C THR F 33 6.65 0.17 28.53
N VAL F 34 6.10 -0.99 28.23
CA VAL F 34 6.90 -2.15 27.78
C VAL F 34 6.53 -2.44 26.34
N ASN F 35 7.56 -2.71 25.53
CA ASN F 35 7.38 -3.12 24.14
C ASN F 35 8.14 -4.43 23.92
N TRP F 36 7.66 -5.21 22.96
CA TRP F 36 8.17 -6.54 22.68
C TRP F 36 8.52 -6.67 21.21
N TYR F 37 9.56 -7.49 20.95
CA TYR F 37 10.12 -7.74 19.63
C TYR F 37 10.20 -9.24 19.41
N GLN F 38 9.90 -9.64 18.16
CA GLN F 38 10.07 -11.02 17.72
C GLN F 38 11.23 -11.02 16.71
N GLN F 39 12.12 -11.99 16.84
CA GLN F 39 13.26 -12.07 15.94
C GLN F 39 13.33 -13.48 15.38
N LEU F 40 13.15 -13.60 14.09
CA LEU F 40 13.42 -14.84 13.35
C LEU F 40 14.91 -15.03 13.14
N PRO F 41 15.38 -16.27 13.04
CA PRO F 41 16.81 -16.51 12.79
C PRO F 41 17.32 -15.73 11.58
N GLY F 42 18.45 -15.05 11.77
CA GLY F 42 19.09 -14.32 10.70
C GLY F 42 18.39 -13.07 10.20
N THR F 43 17.46 -12.50 10.98
CA THR F 43 16.72 -11.34 10.54
C THR F 43 16.63 -10.31 11.66
N ALA F 44 16.31 -9.07 11.27
CA ALA F 44 16.16 -7.99 12.22
C ALA F 44 14.97 -8.26 13.15
N PRO F 45 15.05 -7.79 14.38
CA PRO F 45 13.87 -7.77 15.25
C PRO F 45 12.69 -7.08 14.58
N LYS F 46 11.48 -7.50 14.95
CA LYS F 46 10.23 -6.91 14.51
C LYS F 46 9.41 -6.48 15.72
N LEU F 47 8.85 -5.27 15.66
CA LEU F 47 8.04 -4.79 16.77
C LEU F 47 6.75 -5.62 16.88
N LEU F 48 6.49 -6.20 18.05
CA LEU F 48 5.32 -7.04 18.25
C LEU F 48 4.27 -6.37 19.13
N ILE F 49 4.70 -5.76 20.21
CA ILE F 49 3.81 -5.12 21.19
C ILE F 49 4.43 -3.80 21.58
N TYR F 50 3.62 -2.75 21.74
CA TYR F 50 4.14 -1.49 22.29
C TYR F 50 3.08 -0.88 23.20
N SER F 51 3.50 0.06 24.03
CA SER F 51 2.61 0.69 25.03
C SER F 51 1.84 -0.38 25.81
N ASN F 52 2.59 -1.38 26.29
CA ASN F 52 2.14 -2.47 27.15
C ASN F 52 1.30 -3.53 26.44
N ASN F 53 0.24 -3.11 25.71
CA ASN F 53 -0.63 -4.11 25.13
C ASN F 53 -1.15 -3.76 23.75
N GLN F 54 -0.56 -2.77 23.07
CA GLN F 54 -0.94 -2.40 21.72
C GLN F 54 -0.19 -3.23 20.68
N ARG F 55 -0.88 -3.62 19.61
CA ARG F 55 -0.30 -4.38 18.49
C ARG F 55 -0.13 -3.50 17.26
N PRO F 56 1.04 -3.48 16.65
CA PRO F 56 1.16 -2.89 15.31
C PRO F 56 0.28 -3.63 14.31
N SER F 57 -0.08 -2.94 13.24
CA SER F 57 -0.84 -3.59 12.18
C SER F 57 -0.03 -4.75 11.61
N GLY F 58 -0.73 -5.83 11.27
CA GLY F 58 -0.04 -7.01 10.81
C GLY F 58 0.09 -8.03 11.93
N VAL F 59 0.34 -7.58 13.15
CA VAL F 59 0.58 -8.51 14.25
C VAL F 59 -0.73 -9.20 14.64
N PRO F 60 -0.80 -10.54 14.55
CA PRO F 60 -2.08 -11.21 14.75
C PRO F 60 -2.57 -11.12 16.18
N ASP F 61 -3.90 -11.28 16.29
CA ASP F 61 -4.63 -11.15 17.55
C ASP F 61 -4.15 -12.11 18.63
N ARG F 62 -3.44 -13.19 18.27
CA ARG F 62 -3.09 -14.16 19.30
C ARG F 62 -1.97 -13.66 20.21
N PHE F 63 -1.29 -12.57 19.83
CA PHE F 63 -0.22 -11.97 20.62
C PHE F 63 -0.78 -10.87 21.51
N SER F 64 -0.50 -10.95 22.80
CA SER F 64 -1.07 -9.98 23.72
C SER F 64 -0.03 -9.61 24.76
N GLY F 65 -0.01 -8.35 25.20
CA GLY F 65 0.99 -7.99 26.18
C GLY F 65 0.35 -7.51 27.46
N SER F 66 1.05 -7.52 28.59
CA SER F 66 0.45 -6.97 29.81
C SER F 66 1.57 -6.47 30.70
N LYS F 67 1.21 -5.58 31.64
CA LYS F 67 2.17 -4.98 32.54
C LYS F 67 1.57 -4.96 33.95
N SER F 68 2.38 -5.23 34.96
CA SER F 68 1.90 -5.18 36.34
C SER F 68 3.08 -4.83 37.24
N GLY F 69 3.03 -3.67 37.88
CA GLY F 69 4.11 -3.28 38.77
C GLY F 69 5.43 -3.22 38.00
N THR F 70 6.43 -3.97 38.44
CA THR F 70 7.74 -3.99 37.77
C THR F 70 7.93 -5.21 36.86
N SER F 71 6.84 -5.88 36.48
CA SER F 71 6.92 -7.03 35.59
C SER F 71 5.92 -6.88 34.46
N ALA F 72 6.15 -7.67 33.42
CA ALA F 72 5.37 -7.61 32.19
C ALA F 72 5.31 -9.03 31.62
N SER F 73 4.42 -9.23 30.67
CA SER F 73 4.25 -10.58 30.14
C SER F 73 3.76 -10.51 28.70
N LEU F 74 4.24 -11.44 27.89
CA LEU F 74 3.77 -11.65 26.53
C LEU F 74 3.02 -12.97 26.49
N ALA F 75 1.80 -12.96 25.98
CA ALA F 75 1.00 -14.18 25.87
C ALA F 75 0.79 -14.47 24.39
N ILE F 76 0.96 -15.73 24.01
CA ILE F 76 0.58 -16.21 22.69
C ILE F 76 -0.51 -17.27 22.87
N SER F 77 -1.73 -16.94 22.44
CA SER F 77 -2.89 -17.75 22.78
C SER F 77 -2.92 -19.07 22.04
N GLY F 78 -3.21 -19.07 20.75
CA GLY F 78 -3.16 -20.32 20.02
C GLY F 78 -1.82 -20.44 19.31
N LEU F 79 -0.85 -21.02 19.99
CA LEU F 79 0.50 -21.12 19.47
C LEU F 79 0.51 -21.78 18.11
N GLN F 80 1.24 -21.16 17.18
CA GLN F 80 1.39 -21.64 15.82
C GLN F 80 2.87 -21.93 15.57
N SER F 81 3.13 -22.81 14.60
CA SER F 81 4.51 -23.23 14.34
C SER F 81 5.37 -22.06 13.84
N GLU F 82 4.78 -21.12 13.11
CA GLU F 82 5.54 -19.94 12.72
C GLU F 82 5.87 -19.02 13.90
N ASP F 83 5.43 -19.31 15.12
CA ASP F 83 5.81 -18.51 16.28
C ASP F 83 7.15 -18.90 16.88
N GLU F 84 7.74 -20.00 16.42
CA GLU F 84 9.06 -20.42 16.88
C GLU F 84 10.08 -19.34 16.60
N ALA F 85 10.66 -18.73 17.64
CA ALA F 85 11.51 -17.56 17.39
C ALA F 85 12.07 -17.03 18.71
N ASP F 86 12.89 -15.98 18.66
CA ASP F 86 13.33 -15.37 19.91
C ASP F 86 12.48 -14.12 20.17
N TYR F 87 12.20 -13.87 21.44
CA TYR F 87 11.36 -12.76 21.87
C TYR F 87 12.11 -11.91 22.89
N TYR F 88 12.03 -10.60 22.72
CA TYR F 88 12.72 -9.65 23.56
C TYR F 88 11.70 -8.66 24.11
N CYS F 89 11.76 -8.42 25.42
CA CYS F 89 11.06 -7.24 25.94
C CYS F 89 12.03 -6.08 26.07
N ALA F 90 11.46 -4.87 26.18
CA ALA F 90 12.26 -3.66 26.34
C ALA F 90 11.42 -2.59 27.05
N ALA F 91 12.13 -1.68 27.70
CA ALA F 91 11.50 -0.54 28.37
C ALA F 91 12.51 0.57 28.56
N TRP F 92 12.01 1.81 28.62
CA TRP F 92 12.87 2.90 29.02
C TRP F 92 13.20 2.77 30.50
N ASP F 93 14.42 3.13 30.84
CA ASP F 93 14.88 3.24 32.23
C ASP F 93 15.20 4.70 32.53
N ASP F 94 14.60 5.22 33.61
CA ASP F 94 14.67 6.65 33.89
C ASP F 94 15.99 7.08 34.49
N SER F 95 16.80 6.15 34.99
CA SER F 95 18.00 6.57 35.70
C SER F 95 19.02 7.22 34.74
N LEU F 96 19.80 8.13 35.29
CA LEU F 96 20.86 8.85 34.57
C LEU F 96 20.19 9.78 33.55
N ASN F 97 20.70 9.86 32.33
CA ASN F 97 20.02 10.56 31.25
C ASN F 97 18.93 9.70 30.59
N GLY F 98 18.66 8.52 31.14
CA GLY F 98 17.68 7.61 30.55
C GLY F 98 18.25 6.72 29.47
N TYR F 99 17.75 5.49 29.38
CA TYR F 99 18.26 4.58 28.34
C TYR F 99 17.27 3.44 28.14
N VAL F 100 17.35 2.80 26.95
CA VAL F 100 16.53 1.61 26.71
C VAL F 100 17.19 0.40 27.37
N VAL F 101 16.42 -0.40 28.10
CA VAL F 101 16.91 -1.67 28.61
C VAL F 101 16.15 -2.77 27.88
N PHE F 102 16.88 -3.81 27.47
CA PHE F 102 16.32 -4.98 26.85
C PHE F 102 16.35 -6.15 27.82
N GLY F 103 15.42 -7.07 27.62
CA GLY F 103 15.51 -8.38 28.22
C GLY F 103 16.60 -9.19 27.54
N GLY F 104 16.97 -10.28 28.21
CA GLY F 104 17.97 -11.19 27.65
C GLY F 104 17.47 -12.07 26.52
N GLY F 105 16.18 -12.06 26.24
CA GLY F 105 15.65 -12.87 25.17
C GLY F 105 15.15 -14.23 25.64
N THR F 106 14.09 -14.70 24.97
CA THR F 106 13.52 -16.02 25.23
C THR F 106 13.41 -16.74 23.90
N LYS F 107 13.98 -17.96 23.84
CA LYS F 107 13.81 -18.83 22.68
C LYS F 107 12.53 -19.63 22.84
N LEU F 108 11.57 -19.43 21.95
CA LEU F 108 10.32 -20.18 21.98
C LEU F 108 10.40 -21.30 20.94
N THR F 109 10.23 -22.54 21.41
CA THR F 109 10.17 -23.72 20.56
C THR F 109 8.72 -24.19 20.49
N VAL F 110 8.22 -24.43 19.29
CA VAL F 110 6.90 -25.01 19.11
C VAL F 110 7.09 -26.51 18.88
N LEU F 111 6.71 -27.30 19.89
CA LEU F 111 6.85 -28.75 19.87
C LEU F 111 5.76 -29.41 18.99
N GLY F 112 5.92 -30.73 18.78
CA GLY F 112 4.90 -31.56 18.17
C GLY F 112 5.19 -32.02 16.77
N GLN F 113 6.29 -31.54 16.15
CA GLN F 113 6.64 -31.95 14.81
C GLN F 113 6.80 -33.46 14.74
N PRO F 114 6.40 -34.10 13.63
CA PRO F 114 6.60 -35.55 13.51
C PRO F 114 8.07 -35.87 13.62
N LYS F 115 8.39 -36.93 14.33
CA LYS F 115 9.79 -37.36 14.36
C LYS F 115 10.28 -37.67 12.95
N ALA F 116 11.55 -37.37 12.70
CA ALA F 116 12.19 -37.62 11.41
C ALA F 116 13.60 -38.15 11.64
N ALA F 117 13.90 -39.29 11.02
CA ALA F 117 15.20 -39.94 11.07
C ALA F 117 16.20 -39.19 10.19
N PRO F 118 17.46 -39.13 10.61
CA PRO F 118 18.46 -38.38 9.83
C PRO F 118 18.92 -39.12 8.58
N SER F 119 19.03 -38.37 7.49
CA SER F 119 19.80 -38.80 6.33
C SER F 119 21.27 -38.52 6.58
N VAL F 120 22.12 -39.48 6.22
CA VAL F 120 23.57 -39.40 6.52
C VAL F 120 24.33 -39.70 5.25
N THR F 121 25.23 -38.79 4.85
CA THR F 121 26.09 -38.99 3.69
C THR F 121 27.55 -38.84 4.12
N LEU F 122 28.38 -39.82 3.76
CA LEU F 122 29.78 -39.82 4.14
C LEU F 122 30.64 -39.67 2.89
N PHE F 123 31.57 -38.71 2.90
CA PHE F 123 32.48 -38.47 1.80
C PHE F 123 33.90 -38.76 2.27
N PRO F 124 34.68 -39.51 1.48
CA PRO F 124 36.08 -39.76 1.81
C PRO F 124 36.94 -38.57 1.39
N PRO F 125 38.22 -38.56 1.79
CA PRO F 125 39.13 -37.49 1.33
C PRO F 125 39.25 -37.49 -0.18
N SER F 126 39.38 -36.29 -0.76
CA SER F 126 39.52 -36.18 -2.20
C SER F 126 40.95 -36.55 -2.62
N SER F 127 41.10 -36.92 -3.90
CA SER F 127 42.42 -37.01 -4.49
C SER F 127 43.18 -35.69 -4.30
N GLU F 128 42.49 -34.55 -4.48
CA GLU F 128 43.17 -33.26 -4.31
C GLU F 128 43.55 -32.96 -2.87
N GLU F 129 42.76 -33.38 -1.89
CA GLU F 129 43.17 -33.15 -0.50
C GLU F 129 44.37 -34.01 -0.14
N LEU F 130 44.30 -35.31 -0.46
CA LEU F 130 45.51 -36.13 -0.39
C LEU F 130 46.64 -35.50 -1.19
N GLN F 131 46.29 -34.68 -2.20
CA GLN F 131 47.22 -33.82 -2.94
C GLN F 131 47.56 -32.55 -2.14
N ALA F 132 47.97 -32.72 -0.87
CA ALA F 132 48.30 -31.64 0.04
C ALA F 132 48.77 -32.24 1.35
N ASN F 133 48.85 -33.57 1.37
CA ASN F 133 49.29 -34.35 2.53
C ASN F 133 48.34 -34.19 3.72
N LYS F 134 47.04 -34.10 3.44
CA LYS F 134 46.03 -34.03 4.49
C LYS F 134 44.88 -34.93 4.12
N ALA F 135 44.06 -35.31 5.12
CA ALA F 135 42.87 -36.07 4.77
C ALA F 135 41.71 -35.69 5.70
N THR F 136 40.52 -35.56 5.13
CA THR F 136 39.33 -35.21 5.90
C THR F 136 38.16 -36.04 5.42
N LEU F 137 37.55 -36.77 6.34
CA LEU F 137 36.26 -37.40 6.08
C LEU F 137 35.14 -36.44 6.46
N VAL F 138 34.10 -36.40 5.62
CA VAL F 138 33.02 -35.42 5.74
C VAL F 138 31.71 -36.18 5.93
N CYS F 139 31.14 -36.10 7.13
CA CYS F 139 29.86 -36.74 7.46
C CYS F 139 28.79 -35.67 7.60
N LEU F 140 27.86 -35.62 6.65
CA LEU F 140 26.76 -34.67 6.62
C LEU F 140 25.48 -35.36 7.09
N ILE F 141 24.75 -34.69 7.99
CA ILE F 141 23.54 -35.23 8.62
C ILE F 141 22.41 -34.23 8.40
N SER F 142 21.31 -34.69 7.81
CA SER F 142 20.26 -33.74 7.45
C SER F 142 18.87 -34.32 7.71
N ASP F 143 17.90 -33.40 7.79
CA ASP F 143 16.46 -33.70 7.76
C ASP F 143 15.98 -34.49 8.97
N PHE F 144 16.55 -34.26 10.15
CA PHE F 144 16.13 -34.99 11.32
C PHE F 144 15.39 -34.11 12.34
N TYR F 145 14.62 -34.79 13.20
CA TYR F 145 13.90 -34.19 14.33
C TYR F 145 13.59 -35.27 15.36
N PRO F 146 13.83 -35.02 16.67
CA PRO F 146 14.32 -33.77 17.28
C PRO F 146 15.80 -33.49 16.97
N GLY F 147 16.30 -32.36 17.46
CA GLY F 147 17.66 -31.91 17.20
C GLY F 147 18.76 -32.67 17.92
N ALA F 148 18.43 -33.50 18.90
CA ALA F 148 19.47 -34.20 19.65
C ALA F 148 20.11 -35.27 18.78
N VAL F 149 21.44 -35.29 18.74
CA VAL F 149 22.14 -36.25 17.89
C VAL F 149 23.55 -36.44 18.45
N THR F 150 24.03 -37.67 18.41
CA THR F 150 25.39 -37.95 18.86
C THR F 150 26.15 -38.65 17.75
N VAL F 151 27.34 -38.15 17.44
CA VAL F 151 28.14 -38.66 16.33
C VAL F 151 29.38 -39.32 16.91
N ALA F 152 29.63 -40.57 16.54
CA ALA F 152 30.88 -41.25 16.86
C ALA F 152 31.57 -41.67 15.57
N TRP F 153 32.89 -41.77 15.64
CA TRP F 153 33.69 -42.21 14.51
C TRP F 153 34.40 -43.51 14.87
N LYS F 154 34.42 -44.43 13.91
CA LYS F 154 35.04 -45.74 14.10
C LYS F 154 36.13 -45.94 13.06
N ALA F 155 37.35 -46.19 13.54
CA ALA F 155 38.45 -46.61 12.68
C ALA F 155 38.37 -48.13 12.56
N ASP F 156 37.73 -48.60 11.49
CA ASP F 156 37.50 -50.02 11.24
C ASP F 156 36.60 -50.63 12.29
N SER F 157 37.15 -50.89 13.48
CA SER F 157 36.36 -51.41 14.59
C SER F 157 36.53 -50.62 15.88
N SER F 158 37.61 -49.84 16.03
CA SER F 158 37.88 -49.07 17.22
C SER F 158 37.30 -47.67 17.11
N PRO F 159 36.79 -47.10 18.20
CA PRO F 159 36.34 -45.71 18.15
C PRO F 159 37.55 -44.78 18.04
N VAL F 160 37.44 -43.80 17.14
CA VAL F 160 38.45 -42.77 16.94
C VAL F 160 37.90 -41.47 17.50
N LYS F 161 38.55 -40.96 18.55
CA LYS F 161 38.11 -39.72 19.19
C LYS F 161 39.04 -38.54 18.91
N ALA F 162 40.18 -38.77 18.28
CA ALA F 162 41.13 -37.69 18.00
C ALA F 162 40.77 -37.00 16.69
N GLY F 163 40.87 -35.66 16.72
CA GLY F 163 40.65 -34.85 15.54
C GLY F 163 39.28 -34.93 14.93
N VAL F 164 38.24 -34.81 15.76
CA VAL F 164 36.86 -34.82 15.29
C VAL F 164 36.23 -33.47 15.62
N GLU F 165 35.58 -32.86 14.63
CA GLU F 165 34.90 -31.58 14.80
C GLU F 165 33.45 -31.73 14.36
N THR F 166 32.51 -31.43 15.25
CA THR F 166 31.09 -31.64 14.96
C THR F 166 30.29 -30.40 15.29
N THR F 167 29.42 -29.99 14.37
CA THR F 167 28.61 -28.79 14.57
C THR F 167 27.52 -29.06 15.60
N THR F 168 27.06 -27.98 16.25
CA THR F 168 25.80 -28.06 16.98
C THR F 168 24.65 -28.05 15.98
N PRO F 169 23.72 -29.02 16.04
CA PRO F 169 22.64 -29.07 15.06
C PRO F 169 21.83 -27.78 15.04
N SER F 170 21.42 -27.36 13.85
CA SER F 170 20.58 -26.18 13.72
C SER F 170 19.52 -26.42 12.65
N LYS F 171 18.35 -25.79 12.86
CA LYS F 171 17.22 -26.00 11.97
C LYS F 171 17.45 -25.34 10.61
N GLN F 172 17.08 -26.04 9.55
CA GLN F 172 17.24 -25.53 8.20
C GLN F 172 15.90 -25.01 7.67
N SER F 173 15.87 -24.73 6.37
CA SER F 173 14.70 -24.14 5.75
C SER F 173 13.47 -25.05 5.79
N ASN F 174 13.65 -26.37 5.93
CA ASN F 174 12.55 -27.32 5.94
C ASN F 174 12.04 -27.65 7.35
N ASN F 175 12.46 -26.90 8.35
CA ASN F 175 12.06 -27.05 9.76
C ASN F 175 12.63 -28.28 10.44
N LYS F 176 13.60 -28.94 9.82
CA LYS F 176 14.34 -30.04 10.43
C LYS F 176 15.82 -29.69 10.53
N TYR F 177 16.52 -30.43 11.37
CA TYR F 177 17.88 -30.10 11.74
C TYR F 177 18.90 -30.68 10.76
N ALA F 178 19.99 -29.95 10.59
CA ALA F 178 21.19 -30.41 9.89
C ALA F 178 22.39 -30.27 10.82
N ALA F 179 23.36 -31.14 10.63
CA ALA F 179 24.64 -31.03 11.33
C ALA F 179 25.71 -31.60 10.42
N SER F 180 26.96 -31.41 10.82
CA SER F 180 28.03 -32.10 10.11
C SER F 180 29.17 -32.37 11.07
N SER F 181 29.97 -33.37 10.72
CA SER F 181 31.10 -33.83 11.51
C SER F 181 32.24 -34.12 10.55
N TYR F 182 33.44 -33.74 10.96
CA TYR F 182 34.64 -33.83 10.13
C TYR F 182 35.67 -34.60 10.93
N LEU F 183 36.28 -35.59 10.30
CA LEU F 183 37.38 -36.30 10.94
C LEU F 183 38.63 -36.05 10.11
N SER F 184 39.59 -35.36 10.71
CA SER F 184 40.84 -35.01 10.07
C SER F 184 41.89 -36.02 10.47
N LEU F 185 42.63 -36.56 9.50
CA LEU F 185 43.69 -37.51 9.79
C LEU F 185 44.75 -37.47 8.70
N THR F 186 45.90 -38.04 9.04
CA THR F 186 47.00 -38.18 8.10
C THR F 186 46.61 -39.15 7.00
N PRO F 187 47.20 -39.01 5.80
CA PRO F 187 46.89 -39.97 4.73
C PRO F 187 47.31 -41.38 5.06
N GLU F 188 48.23 -41.57 6.01
CA GLU F 188 48.66 -42.90 6.41
C GLU F 188 47.60 -43.58 7.29
N GLN F 189 47.10 -42.91 8.33
CA GLN F 189 45.99 -43.48 9.08
C GLN F 189 44.81 -43.78 8.17
N TRP F 190 44.58 -42.90 7.20
CA TRP F 190 43.56 -43.17 6.19
C TRP F 190 43.85 -44.49 5.47
N LYS F 191 45.08 -44.66 4.99
CA LYS F 191 45.43 -45.87 4.25
C LYS F 191 45.73 -47.05 5.16
N SER F 192 46.20 -46.80 6.40
CA SER F 192 46.56 -47.88 7.32
C SER F 192 45.38 -48.45 8.08
N HIS F 193 44.15 -48.25 7.61
CA HIS F 193 42.98 -48.88 8.20
C HIS F 193 42.11 -49.38 7.07
N ARG F 194 41.26 -50.36 7.39
CA ARG F 194 40.45 -50.98 6.35
C ARG F 194 39.26 -50.12 5.98
N SER F 195 38.58 -49.57 6.99
CA SER F 195 37.40 -48.77 6.74
C SER F 195 37.27 -47.72 7.84
N TYR F 196 36.51 -46.68 7.54
CA TYR F 196 36.15 -45.65 8.50
C TYR F 196 34.63 -45.52 8.48
N SER F 197 34.06 -45.27 9.67
CA SER F 197 32.62 -45.23 9.82
C SER F 197 32.20 -44.02 10.64
N CYS F 198 31.14 -43.38 10.18
CA CYS F 198 30.45 -42.30 10.89
C CYS F 198 29.14 -42.92 11.39
N GLN F 199 28.98 -43.03 12.70
CA GLN F 199 27.76 -43.56 13.29
C GLN F 199 27.03 -42.43 14.00
N VAL F 200 25.81 -42.15 13.54
CA VAL F 200 24.97 -41.06 14.02
C VAL F 200 23.81 -41.67 14.80
N THR F 201 23.76 -41.42 16.11
CA THR F 201 22.69 -41.94 16.95
C THR F 201 21.67 -40.85 17.24
N HIS F 202 20.39 -41.22 17.14
CA HIS F 202 19.27 -40.28 17.17
C HIS F 202 18.02 -41.03 17.65
N GLU F 203 17.53 -40.66 18.84
CA GLU F 203 16.36 -41.29 19.44
C GLU F 203 16.49 -42.82 19.44
N GLY F 204 17.58 -43.29 20.05
CA GLY F 204 17.88 -44.71 20.12
C GLY F 204 18.33 -45.37 18.84
N SER F 205 18.24 -44.70 17.70
CA SER F 205 18.54 -45.33 16.41
C SER F 205 19.93 -44.91 15.94
N THR F 206 20.82 -45.88 15.80
CA THR F 206 22.15 -45.63 15.26
C THR F 206 22.15 -45.90 13.76
N VAL F 207 22.61 -44.92 12.99
CA VAL F 207 22.70 -45.00 11.54
C VAL F 207 24.18 -44.92 11.18
N GLU F 208 24.71 -46.00 10.59
CA GLU F 208 26.10 -46.07 10.22
C GLU F 208 26.28 -45.75 8.74
N LYS F 209 27.40 -45.09 8.43
CA LYS F 209 27.88 -44.94 7.06
C LYS F 209 29.37 -45.23 7.04
N THR F 210 29.86 -45.77 5.93
CA THR F 210 31.21 -46.32 5.90
C THR F 210 31.88 -46.01 4.57
N VAL F 211 33.18 -45.70 4.63
CA VAL F 211 34.01 -45.52 3.45
C VAL F 211 35.34 -46.23 3.68
N ALA F 212 36.10 -46.41 2.59
CA ALA F 212 37.37 -47.12 2.68
C ALA F 212 38.28 -46.69 1.56
N PRO F 213 39.59 -46.58 1.79
CA PRO F 213 40.52 -46.16 0.71
C PRO F 213 40.35 -46.95 -0.58
N THR F 214 39.85 -46.29 -1.62
CA THR F 214 39.64 -46.95 -2.92
C THR F 214 40.41 -46.23 -4.03
#